data_6PZ1
#
_entry.id   6PZ1
#
_cell.length_a   87.479
_cell.length_b   97.858
_cell.length_c   131.966
_cell.angle_alpha   90.000
_cell.angle_beta   90.000
_cell.angle_gamma   90.000
#
_symmetry.space_group_name_H-M   'P 21 21 21'
#
loop_
_entity.id
_entity.type
_entity.pdbx_description
1 polymer 'Indoleamine 2,3-dioxygenase 1'
2 non-polymer 'PROTOPORPHYRIN IX CONTAINING FE'
3 non-polymer (3R)-3-(5-fluoro-1H-indol-3-yl)pyrrolidine-2,5-dione
4 non-polymer GLYCEROL
5 water water
#
_entity_poly.entity_id   1
_entity_poly.type   'polypeptide(L)'
_entity_poly.pdbx_seq_one_letter_code
;MSKEYHIDEEVGFALPNPQENLPDFYNDWMFIAKHLPDLIESGQLRERVEKLNMLSIDHLTDHKSQRLARLVLGCITMAY
VWGKGHGDVRKVLPRNIAVPYCQLSKKLELPPILVYADCVLANWKKKDPNKPLTYENMDVLFSFRDGDCSKGFFLVSLLV
EIAAASAIKVIPTVFKAMQMQERDTLLKALLEIASCLEKALQVFHQIHDHVNPKAFFSVLRIYLSGWKGNPQLSDGLVYE
GFWEDPKEFAGGSAGQSSVFQCFDVLLGIQQTAGGGHAAQFLQDMRRYMPPAHRNFLCSLESNPSVREFVLSKGDAGLRE
AYDACVKALVSLRSYHLQIVTKYILIPASQQPKENKTSEDPSKLEAKGTGGTDLMNFLKTVRSTTEKSLLKEGKGELNSK
LEGKPIPNPLLGLDSTRTGHHHHHH
;
_entity_poly.pdbx_strand_id   A,B
#
loop_
_chem_comp.id
_chem_comp.type
_chem_comp.name
_chem_comp.formula
AOJ non-polymer (3R)-3-(5-fluoro-1H-indol-3-yl)pyrrolidine-2,5-dione 'C12 H9 F N2 O2'
GOL non-polymer GLYCEROL 'C3 H8 O3'
HEM non-polymer 'PROTOPORPHYRIN IX CONTAINING FE' 'C34 H32 Fe N4 O4'
#
# COMPACT_ATOMS: atom_id res chain seq x y z
N LYS A 3 -10.96 -15.17 7.49
CA LYS A 3 -10.17 -15.57 8.71
C LYS A 3 -10.63 -14.73 9.91
N GLU A 4 -10.11 -15.02 11.11
CA GLU A 4 -10.35 -14.21 12.33
C GLU A 4 -9.34 -13.05 12.31
N TYR A 5 -9.83 -11.83 12.04
CA TYR A 5 -9.01 -10.63 11.70
C TYR A 5 -8.56 -9.87 12.95
N HIS A 6 -8.53 -10.54 14.12
CA HIS A 6 -8.20 -9.93 15.44
C HIS A 6 -9.08 -8.69 15.66
N ILE A 7 -10.41 -8.86 15.55
CA ILE A 7 -11.42 -7.81 15.85
C ILE A 7 -12.39 -8.37 16.90
N ASP A 8 -12.70 -7.56 17.91
CA ASP A 8 -13.54 -7.94 19.08
C ASP A 8 -14.94 -7.33 18.90
N GLU A 9 -15.97 -8.03 19.37
CA GLU A 9 -17.40 -7.61 19.33
C GLU A 9 -17.57 -6.32 20.16
N GLU A 10 -16.77 -6.16 21.20
CA GLU A 10 -16.93 -5.14 22.28
C GLU A 10 -15.96 -3.97 22.07
N VAL A 11 -14.67 -4.24 21.79
CA VAL A 11 -13.61 -3.19 21.73
C VAL A 11 -13.00 -3.09 20.32
N GLY A 12 -13.55 -3.82 19.33
CA GLY A 12 -13.21 -3.67 17.91
C GLY A 12 -11.73 -3.89 17.64
N PHE A 13 -11.03 -2.83 17.23
CA PHE A 13 -9.60 -2.86 16.81
C PHE A 13 -8.67 -2.88 18.03
N ALA A 14 -9.11 -2.34 19.17
CA ALA A 14 -8.38 -2.37 20.46
C ALA A 14 -8.09 -3.83 20.85
N LEU A 15 -6.98 -4.06 21.54
CA LEU A 15 -6.57 -5.40 22.07
C LEU A 15 -7.43 -5.71 23.30
N PRO A 16 -8.16 -6.86 23.33
CA PRO A 16 -9.06 -7.16 24.45
C PRO A 16 -8.35 -7.69 25.71
N ASN A 17 -8.65 -7.08 26.86
CA ASN A 17 -8.06 -7.41 28.20
C ASN A 17 -6.56 -7.63 28.05
N PRO A 18 -5.78 -6.55 27.77
CA PRO A 18 -4.34 -6.69 27.54
C PRO A 18 -3.55 -7.18 28.76
N GLN A 19 -2.37 -7.75 28.52
CA GLN A 19 -1.43 -8.24 29.55
C GLN A 19 -0.76 -7.02 30.21
N GLU A 20 -0.71 -7.00 31.55
CA GLU A 20 -0.12 -5.87 32.35
C GLU A 20 1.28 -6.20 32.85
N ASN A 21 1.65 -7.49 32.93
CA ASN A 21 2.95 -7.95 33.47
C ASN A 21 3.60 -8.91 32.47
N LEU A 22 4.91 -8.80 32.25
CA LEU A 22 5.70 -9.71 31.37
C LEU A 22 6.17 -10.91 32.19
N PRO A 23 6.67 -11.98 31.54
CA PRO A 23 7.44 -13.01 32.26
C PRO A 23 8.57 -12.40 33.09
N ASP A 24 8.90 -13.04 34.22
CA ASP A 24 9.83 -12.52 35.27
C ASP A 24 11.22 -12.27 34.66
N PHE A 25 11.61 -13.07 33.65
CA PHE A 25 12.86 -12.95 32.87
C PHE A 25 13.07 -11.48 32.44
N TYR A 26 11.99 -10.75 32.18
CA TYR A 26 11.99 -9.37 31.61
C TYR A 26 11.60 -8.31 32.64
N ASN A 27 11.99 -8.47 33.91
CA ASN A 27 11.71 -7.48 34.99
C ASN A 27 12.68 -6.29 34.86
N ASP A 28 13.78 -6.46 34.13
CA ASP A 28 14.73 -5.37 33.76
C ASP A 28 14.00 -4.33 32.93
N TRP A 29 13.54 -4.74 31.74
CA TRP A 29 12.68 -3.95 30.81
C TRP A 29 11.54 -3.31 31.59
N MET A 30 10.74 -4.15 32.27
CA MET A 30 9.47 -3.76 32.94
C MET A 30 9.70 -2.59 33.90
N PHE A 31 10.79 -2.60 34.67
CA PHE A 31 11.04 -1.60 35.74
C PHE A 31 11.37 -0.22 35.11
N ILE A 32 12.13 -0.20 34.01
CA ILE A 32 12.54 1.05 33.30
C ILE A 32 11.28 1.72 32.74
N ALA A 33 10.39 0.95 32.09
CA ALA A 33 9.13 1.42 31.50
C ALA A 33 8.15 1.86 32.61
N LYS A 34 7.96 1.04 33.65
CA LYS A 34 7.00 1.29 34.76
C LYS A 34 7.38 2.60 35.50
N HIS A 35 8.67 2.92 35.60
CA HIS A 35 9.20 4.07 36.37
C HIS A 35 9.88 5.08 35.44
N LEU A 36 9.22 5.41 34.33
CA LEU A 36 9.76 6.28 33.24
C LEU A 36 9.65 7.76 33.63
N PRO A 37 8.51 8.25 34.21
CA PRO A 37 8.40 9.66 34.60
C PRO A 37 9.55 10.19 35.46
N ASP A 38 10.05 9.37 36.40
CA ASP A 38 11.06 9.75 37.42
C ASP A 38 12.47 9.59 36.84
N LEU A 39 12.67 8.61 35.96
CA LEU A 39 14.01 8.22 35.42
C LEU A 39 14.53 9.29 34.42
N ILE A 40 13.64 10.08 33.81
CA ILE A 40 14.02 11.17 32.85
C ILE A 40 13.95 12.52 33.58
N GLU A 41 13.05 12.65 34.57
CA GLU A 41 13.02 13.74 35.58
C GLU A 41 14.40 13.87 36.25
N SER A 42 15.10 12.73 36.43
CA SER A 42 16.46 12.62 36.99
C SER A 42 17.51 12.86 35.91
N GLY A 43 17.53 12.02 34.87
CA GLY A 43 18.55 11.99 33.81
C GLY A 43 19.38 10.72 33.83
N GLN A 44 18.81 9.66 34.41
CA GLN A 44 19.46 8.33 34.64
C GLN A 44 18.85 7.29 33.68
N LEU A 45 17.84 7.67 32.88
CA LEU A 45 17.09 6.75 31.98
C LEU A 45 18.05 6.18 30.94
N ARG A 46 18.74 7.05 30.20
CA ARG A 46 19.63 6.66 29.07
C ARG A 46 20.70 5.69 29.59
N GLU A 47 21.21 5.93 30.80
CA GLU A 47 22.27 5.11 31.47
C GLU A 47 21.69 3.76 31.89
N ARG A 48 20.55 3.76 32.62
CA ARG A 48 19.83 2.54 33.07
C ARG A 48 19.52 1.64 31.86
N VAL A 49 19.26 2.23 30.69
CA VAL A 49 19.00 1.50 29.40
C VAL A 49 20.35 1.05 28.81
N GLU A 50 21.38 1.90 28.85
CA GLU A 50 22.75 1.59 28.35
C GLU A 50 23.35 0.45 29.20
N LYS A 51 23.07 0.43 30.50
CA LYS A 51 23.49 -0.64 31.45
C LYS A 51 22.43 -1.74 31.51
N LEU A 52 21.93 -2.17 30.34
CA LEU A 52 21.01 -3.32 30.20
C LEU A 52 21.63 -4.29 29.20
N ASN A 53 21.70 -5.58 29.56
CA ASN A 53 22.23 -6.64 28.68
C ASN A 53 21.11 -7.09 27.73
N MET A 54 21.49 -7.74 26.62
CA MET A 54 20.57 -8.12 25.51
C MET A 54 19.76 -9.36 25.92
N LEU A 55 18.56 -9.13 26.45
CA LEU A 55 17.55 -10.20 26.68
C LEU A 55 16.99 -10.62 25.33
N SER A 56 17.06 -11.91 24.97
CA SER A 56 16.41 -12.48 23.77
C SER A 56 14.89 -12.52 23.99
N ILE A 57 14.13 -12.73 22.92
CA ILE A 57 12.65 -12.48 22.86
C ILE A 57 11.87 -13.79 23.02
N ASP A 58 12.53 -14.94 23.03
CA ASP A 58 11.90 -16.28 22.82
C ASP A 58 11.22 -16.80 24.10
N HIS A 59 11.13 -16.00 25.17
CA HIS A 59 10.39 -16.35 26.42
C HIS A 59 9.07 -15.59 26.48
N LEU A 60 8.77 -14.79 25.45
CA LEU A 60 7.40 -14.27 25.15
C LEU A 60 6.70 -15.33 24.30
N THR A 61 5.63 -15.93 24.83
CA THR A 61 5.01 -17.18 24.32
C THR A 61 3.83 -16.82 23.40
N ASP A 62 2.82 -16.12 23.93
CA ASP A 62 1.55 -15.78 23.22
C ASP A 62 1.60 -14.33 22.72
N HIS A 63 0.55 -13.91 21.98
CA HIS A 63 0.47 -12.59 21.30
C HIS A 63 0.35 -11.46 22.33
N LYS A 64 -0.55 -11.59 23.32
CA LYS A 64 -0.77 -10.60 24.41
C LYS A 64 0.59 -10.15 24.98
N SER A 65 1.51 -11.10 25.21
CA SER A 65 2.87 -10.89 25.75
C SER A 65 3.72 -10.05 24.79
N GLN A 66 3.81 -10.50 23.53
CA GLN A 66 4.65 -9.89 22.47
C GLN A 66 4.21 -8.43 22.27
N ARG A 67 2.91 -8.16 22.40
CA ARG A 67 2.32 -6.80 22.25
C ARG A 67 2.69 -5.95 23.47
N LEU A 68 2.66 -6.52 24.68
CA LEU A 68 3.05 -5.80 25.92
C LEU A 68 4.56 -5.50 25.86
N ALA A 69 5.37 -6.41 25.31
CA ALA A 69 6.82 -6.23 25.10
C ALA A 69 7.07 -5.11 24.09
N ARG A 70 6.33 -5.11 22.97
CA ARG A 70 6.26 -4.00 21.98
C ARG A 70 6.05 -2.67 22.72
N LEU A 71 5.07 -2.64 23.62
CA LEU A 71 4.62 -1.44 24.38
C LEU A 71 5.72 -0.99 25.35
N VAL A 72 6.32 -1.95 26.07
CA VAL A 72 7.44 -1.70 27.02
C VAL A 72 8.65 -1.19 26.23
N LEU A 73 9.16 -2.01 25.31
CA LEU A 73 10.32 -1.68 24.44
C LEU A 73 10.03 -0.41 23.65
N GLY A 74 8.76 -0.15 23.33
CA GLY A 74 8.30 1.04 22.58
C GLY A 74 8.57 2.32 23.36
N CYS A 75 7.96 2.45 24.55
CA CYS A 75 8.02 3.66 25.41
C CYS A 75 9.45 3.96 25.86
N ILE A 76 10.22 2.90 26.13
CA ILE A 76 11.66 3.00 26.54
C ILE A 76 12.45 3.65 25.41
N THR A 77 12.30 3.14 24.18
CA THR A 77 13.00 3.62 22.96
C THR A 77 12.69 5.11 22.74
N MET A 78 11.46 5.54 23.02
CA MET A 78 11.02 6.97 22.84
C MET A 78 11.64 7.83 23.93
N ALA A 79 11.51 7.42 25.20
CA ALA A 79 12.05 8.12 26.39
C ALA A 79 13.57 8.28 26.26
N TYR A 80 14.25 7.28 25.68
CA TYR A 80 15.72 7.29 25.44
C TYR A 80 16.05 8.34 24.38
N VAL A 81 15.53 8.15 23.16
CA VAL A 81 15.85 8.98 21.96
C VAL A 81 15.59 10.44 22.29
N TRP A 82 14.40 10.76 22.81
CA TRP A 82 13.90 12.13 23.09
C TRP A 82 14.36 12.59 24.48
N GLY A 83 14.30 11.70 25.48
CA GLY A 83 14.77 11.94 26.85
C GLY A 83 13.94 12.98 27.57
N LYS A 84 14.58 14.08 28.00
CA LYS A 84 13.90 15.24 28.64
C LYS A 84 12.91 15.84 27.63
N GLY A 85 13.17 15.68 26.33
CA GLY A 85 12.34 16.18 25.23
C GLY A 85 12.41 17.69 25.15
N HIS A 86 13.41 18.30 25.80
CA HIS A 86 13.69 19.76 25.78
C HIS A 86 14.68 20.07 24.66
N GLY A 87 15.11 19.05 23.89
CA GLY A 87 15.79 19.22 22.60
C GLY A 87 16.98 18.30 22.39
N ASP A 88 17.62 17.83 23.49
CA ASP A 88 18.83 16.98 23.44
C ASP A 88 18.42 15.54 23.11
N VAL A 89 18.89 15.00 21.97
CA VAL A 89 18.41 13.71 21.37
C VAL A 89 19.57 12.71 21.35
N ARG A 90 19.25 11.42 21.15
CA ARG A 90 20.24 10.35 20.84
C ARG A 90 20.03 9.86 19.40
N LYS A 91 20.96 10.19 18.50
CA LYS A 91 20.91 9.86 17.05
C LYS A 91 21.29 8.37 16.83
N VAL A 92 21.49 7.61 17.90
CA VAL A 92 21.82 6.15 17.83
C VAL A 92 21.21 5.44 19.05
N LEU A 93 20.60 4.28 18.80
CA LEU A 93 19.92 3.44 19.84
C LEU A 93 20.87 2.37 20.33
N PRO A 94 20.96 2.13 21.66
CA PRO A 94 21.79 1.05 22.20
C PRO A 94 21.47 -0.31 21.59
N ARG A 95 22.52 -0.97 21.07
CA ARG A 95 22.49 -2.34 20.49
C ARG A 95 21.65 -3.30 21.36
N ASN A 96 21.70 -3.12 22.68
CA ASN A 96 21.18 -4.11 23.68
C ASN A 96 19.65 -4.01 23.81
N ILE A 97 19.06 -2.83 23.62
CA ILE A 97 17.57 -2.65 23.53
C ILE A 97 17.13 -2.76 22.06
N ALA A 98 17.96 -2.28 21.13
CA ALA A 98 17.67 -2.22 19.68
C ALA A 98 17.32 -3.62 19.13
N VAL A 99 18.28 -4.54 19.26
CA VAL A 99 18.29 -5.87 18.58
C VAL A 99 17.13 -6.74 19.05
N PRO A 100 16.76 -6.78 20.36
CA PRO A 100 15.53 -7.48 20.76
C PRO A 100 14.23 -6.80 20.28
N TYR A 101 14.20 -5.46 20.23
CA TYR A 101 13.00 -4.67 19.83
C TYR A 101 12.81 -4.76 18.30
N CYS A 102 13.92 -4.71 17.55
CA CYS A 102 13.95 -4.90 16.07
C CYS A 102 13.50 -6.32 15.71
N GLN A 103 13.75 -7.30 16.59
CA GLN A 103 13.45 -8.73 16.36
C GLN A 103 11.97 -9.01 16.64
N LEU A 104 11.44 -8.46 17.74
CA LEU A 104 10.00 -8.59 18.14
C LEU A 104 9.12 -7.94 17.08
N SER A 105 9.54 -6.77 16.58
CA SER A 105 8.85 -5.97 15.54
C SER A 105 8.79 -6.74 14.20
N LYS A 106 9.84 -7.48 13.86
CA LYS A 106 9.88 -8.31 12.62
C LYS A 106 8.91 -9.49 12.74
N LYS A 107 8.82 -10.13 13.91
CA LYS A 107 7.93 -11.31 14.13
C LYS A 107 6.45 -10.86 14.07
N LEU A 108 6.14 -9.64 14.52
CA LEU A 108 4.74 -9.10 14.55
C LEU A 108 4.41 -8.35 13.26
N GLU A 109 5.40 -8.08 12.40
CA GLU A 109 5.25 -7.40 11.08
C GLU A 109 4.98 -5.89 11.27
N LEU A 110 5.11 -5.39 12.50
CA LEU A 110 5.09 -3.94 12.82
C LEU A 110 6.51 -3.39 12.67
N PRO A 111 6.69 -2.07 12.49
CA PRO A 111 8.03 -1.48 12.45
C PRO A 111 8.51 -1.16 13.87
N PRO A 112 9.84 -0.97 14.06
CA PRO A 112 10.42 -0.87 15.40
C PRO A 112 10.38 0.57 15.93
N ILE A 113 9.17 1.01 16.28
CA ILE A 113 8.86 2.35 16.89
C ILE A 113 7.46 2.23 17.50
N LEU A 114 7.18 3.01 18.55
CA LEU A 114 5.85 3.03 19.21
C LEU A 114 4.80 3.43 18.18
N VAL A 115 3.70 2.68 18.09
CA VAL A 115 2.58 2.95 17.14
C VAL A 115 1.26 2.97 17.92
N TYR A 116 0.20 3.43 17.26
CA TYR A 116 -1.19 3.48 17.77
C TYR A 116 -1.54 2.14 18.44
N ALA A 117 -1.23 1.03 17.77
CA ALA A 117 -1.54 -0.36 18.20
C ALA A 117 -0.90 -0.63 19.57
N ASP A 118 0.33 -0.14 19.79
CA ASP A 118 1.07 -0.28 21.07
C ASP A 118 0.46 0.66 22.12
N CYS A 119 0.60 1.97 21.94
CA CYS A 119 0.40 2.99 23.02
C CYS A 119 -1.07 3.39 23.20
N VAL A 120 -2.00 2.88 22.39
CA VAL A 120 -3.47 3.05 22.63
C VAL A 120 -4.12 1.67 22.82
N LEU A 121 -3.99 0.78 21.83
CA LEU A 121 -4.79 -0.47 21.71
C LEU A 121 -4.30 -1.53 22.72
N ALA A 122 -3.00 -1.56 23.03
CA ALA A 122 -2.38 -2.51 23.99
C ALA A 122 -2.10 -1.82 25.34
N ASN A 123 -2.29 -0.50 25.42
CA ASN A 123 -1.86 0.35 26.55
C ASN A 123 -3.07 0.79 27.38
N TRP A 124 -3.81 -0.18 27.94
CA TRP A 124 -4.99 0.11 28.79
C TRP A 124 -5.37 -1.11 29.64
N LYS A 125 -6.20 -0.87 30.66
CA LYS A 125 -6.84 -1.87 31.55
C LYS A 125 -8.08 -1.19 32.14
N LYS A 126 -9.06 -1.95 32.64
CA LYS A 126 -10.18 -1.37 33.42
C LYS A 126 -9.87 -1.56 34.91
N LYS A 127 -10.04 -0.50 35.70
CA LYS A 127 -9.74 -0.45 37.16
C LYS A 127 -10.49 -1.58 37.86
N ASP A 128 -11.82 -1.47 37.94
CA ASP A 128 -12.74 -2.45 38.58
C ASP A 128 -13.27 -3.38 37.47
N PRO A 129 -12.71 -4.60 37.32
CA PRO A 129 -13.03 -5.46 36.16
C PRO A 129 -14.47 -5.95 36.03
N ASN A 130 -15.42 -5.42 36.82
CA ASN A 130 -16.87 -5.73 36.70
C ASN A 130 -17.67 -4.42 36.58
N LYS A 131 -17.10 -3.42 35.90
CA LYS A 131 -17.77 -2.13 35.56
C LYS A 131 -17.71 -1.93 34.04
N PRO A 132 -18.48 -0.98 33.47
CA PRO A 132 -18.46 -0.74 32.02
C PRO A 132 -17.18 0.00 31.60
N LEU A 133 -16.93 0.10 30.30
CA LEU A 133 -15.68 0.70 29.74
C LEU A 133 -15.83 2.23 29.62
N THR A 134 -15.91 2.93 30.76
CA THR A 134 -15.94 4.41 30.85
C THR A 134 -14.58 4.93 31.35
N TYR A 135 -14.36 6.24 31.28
CA TYR A 135 -13.05 6.88 31.58
C TYR A 135 -12.74 6.76 33.07
N GLU A 136 -13.74 6.92 33.94
CA GLU A 136 -13.60 6.80 35.42
C GLU A 136 -13.00 5.44 35.77
N ASN A 137 -13.50 4.36 35.16
CA ASN A 137 -13.14 2.96 35.49
C ASN A 137 -12.04 2.44 34.56
N MET A 138 -11.11 3.29 34.10
CA MET A 138 -10.03 2.87 33.17
C MET A 138 -8.75 3.66 33.43
N ASP A 139 -7.61 3.06 33.09
CA ASP A 139 -6.27 3.69 33.19
C ASP A 139 -5.34 3.07 32.15
N VAL A 140 -4.31 3.82 31.73
CA VAL A 140 -3.24 3.37 30.80
C VAL A 140 -2.17 2.65 31.64
N LEU A 141 -1.43 1.74 31.01
CA LEU A 141 -0.37 0.94 31.67
C LEU A 141 0.91 1.78 31.78
N PHE A 142 1.22 2.55 30.74
CA PHE A 142 2.51 3.27 30.58
C PHE A 142 2.28 4.76 30.28
N SER A 143 3.19 5.59 30.76
CA SER A 143 3.23 7.07 30.58
C SER A 143 4.68 7.53 30.38
N PHE A 144 4.88 8.79 29.99
CA PHE A 144 6.19 9.37 29.60
C PHE A 144 6.73 10.29 30.70
N ARG A 145 5.90 11.23 31.16
CA ARG A 145 6.19 12.18 32.26
C ARG A 145 4.93 12.32 33.11
N ASP A 146 4.95 13.24 34.09
CA ASP A 146 3.73 13.69 34.82
C ASP A 146 3.25 14.99 34.18
N GLY A 147 1.94 15.24 34.24
CA GLY A 147 1.27 16.39 33.56
C GLY A 147 1.44 16.32 32.04
N ASP A 148 1.68 15.13 31.48
CA ASP A 148 1.79 14.90 30.02
C ASP A 148 0.38 14.64 29.46
N CYS A 149 -0.61 14.44 30.34
CA CYS A 149 -2.03 14.16 29.99
C CYS A 149 -2.09 12.99 29.00
N SER A 150 -1.22 11.99 29.18
CA SER A 150 -1.12 10.78 28.32
C SER A 150 -2.27 9.82 28.62
N LYS A 151 -2.85 9.88 29.83
CA LYS A 151 -4.03 9.07 30.21
C LYS A 151 -5.23 9.53 29.36
N GLY A 152 -5.59 10.81 29.45
CA GLY A 152 -6.70 11.42 28.70
C GLY A 152 -6.58 11.17 27.21
N PHE A 153 -5.41 11.46 26.64
CA PHE A 153 -5.12 11.35 25.18
C PHE A 153 -5.34 9.91 24.70
N PHE A 154 -4.56 8.98 25.25
CA PHE A 154 -4.56 7.54 24.85
C PHE A 154 -5.96 6.93 25.08
N LEU A 155 -6.65 7.31 26.15
CA LEU A 155 -7.91 6.63 26.56
C LEU A 155 -9.11 7.21 25.81
N VAL A 156 -9.13 8.52 25.50
CA VAL A 156 -10.22 9.11 24.66
C VAL A 156 -10.07 8.53 23.25
N SER A 157 -8.84 8.46 22.73
CA SER A 157 -8.48 7.73 21.49
C SER A 157 -9.10 6.33 21.53
N LEU A 158 -8.90 5.60 22.63
CA LEU A 158 -9.39 4.21 22.80
C LEU A 158 -10.91 4.19 22.82
N LEU A 159 -11.54 5.06 23.62
CA LEU A 159 -13.01 5.09 23.82
C LEU A 159 -13.74 5.34 22.50
N VAL A 160 -13.07 5.99 21.54
CA VAL A 160 -13.59 6.16 20.15
C VAL A 160 -13.53 4.80 19.44
N GLU A 161 -12.38 4.12 19.52
CA GLU A 161 -12.17 2.77 18.95
C GLU A 161 -13.26 1.84 19.48
N ILE A 162 -13.46 1.84 20.80
CA ILE A 162 -14.56 1.10 21.50
C ILE A 162 -15.89 1.46 20.83
N ALA A 163 -16.19 2.76 20.71
CA ALA A 163 -17.47 3.30 20.20
C ALA A 163 -17.74 2.80 18.78
N ALA A 164 -16.68 2.65 17.97
CA ALA A 164 -16.73 2.23 16.55
C ALA A 164 -16.97 0.72 16.43
N ALA A 165 -16.62 -0.05 17.46
CA ALA A 165 -16.67 -1.54 17.47
C ALA A 165 -18.11 -2.02 17.23
N SER A 166 -19.10 -1.25 17.68
CA SER A 166 -20.55 -1.56 17.56
C SER A 166 -21.01 -1.42 16.11
N ALA A 167 -20.29 -0.62 15.31
CA ALA A 167 -20.56 -0.38 13.87
C ALA A 167 -19.81 -1.42 13.03
N ILE A 168 -18.59 -1.76 13.43
CA ILE A 168 -17.69 -2.72 12.70
C ILE A 168 -18.33 -4.12 12.69
N LYS A 169 -19.04 -4.49 13.76
CA LYS A 169 -19.66 -5.84 13.91
C LYS A 169 -20.85 -5.97 12.95
N VAL A 170 -21.36 -4.84 12.41
CA VAL A 170 -22.53 -4.80 11.49
C VAL A 170 -22.06 -5.06 10.05
N ILE A 171 -20.76 -4.89 9.77
CA ILE A 171 -20.20 -4.86 8.38
C ILE A 171 -20.52 -6.16 7.65
N PRO A 172 -20.32 -7.36 8.25
CA PRO A 172 -20.68 -8.61 7.58
C PRO A 172 -22.17 -8.74 7.23
N THR A 173 -23.07 -8.14 8.01
CA THR A 173 -24.53 -8.06 7.70
C THR A 173 -24.71 -7.32 6.37
N VAL A 174 -23.96 -6.23 6.17
CA VAL A 174 -24.04 -5.35 4.96
C VAL A 174 -23.73 -6.18 3.71
N PHE A 175 -22.63 -6.95 3.73
CA PHE A 175 -22.14 -7.74 2.56
C PHE A 175 -23.05 -8.95 2.34
N LYS A 176 -23.51 -9.61 3.41
CA LYS A 176 -24.50 -10.72 3.32
C LYS A 176 -25.78 -10.19 2.67
N ALA A 177 -26.33 -9.09 3.18
CA ALA A 177 -27.57 -8.45 2.68
C ALA A 177 -27.44 -8.15 1.18
N MET A 178 -26.25 -7.76 0.71
CA MET A 178 -26.01 -7.35 -0.70
C MET A 178 -26.06 -8.58 -1.63
N GLN A 179 -25.34 -9.65 -1.31
CA GLN A 179 -25.26 -10.86 -2.18
C GLN A 179 -26.49 -11.76 -1.98
N MET A 180 -27.22 -11.62 -0.86
CA MET A 180 -28.54 -12.29 -0.65
C MET A 180 -29.66 -11.43 -1.23
N GLN A 181 -29.35 -10.19 -1.65
CA GLN A 181 -30.29 -9.26 -2.34
C GLN A 181 -31.46 -8.96 -1.40
N GLU A 182 -31.15 -8.53 -0.17
CA GLU A 182 -32.12 -8.27 0.92
C GLU A 182 -32.07 -6.77 1.26
N ARG A 183 -32.94 -5.98 0.63
CA ARG A 183 -32.92 -4.49 0.66
C ARG A 183 -33.19 -4.01 2.10
N ASP A 184 -34.21 -4.54 2.77
CA ASP A 184 -34.67 -4.07 4.12
C ASP A 184 -33.56 -4.31 5.16
N THR A 185 -32.90 -5.46 5.09
CA THR A 185 -31.77 -5.86 5.98
C THR A 185 -30.63 -4.85 5.83
N LEU A 186 -30.32 -4.47 4.59
CA LEU A 186 -29.19 -3.57 4.24
C LEU A 186 -29.49 -2.14 4.70
N LEU A 187 -30.70 -1.65 4.48
CA LEU A 187 -31.11 -0.28 4.93
C LEU A 187 -30.91 -0.20 6.44
N LYS A 188 -31.43 -1.20 7.17
CA LYS A 188 -31.35 -1.30 8.65
C LYS A 188 -29.89 -1.28 9.09
N ALA A 189 -29.04 -2.06 8.41
CA ALA A 189 -27.58 -2.22 8.68
C ALA A 189 -26.88 -0.86 8.56
N LEU A 190 -27.08 -0.15 7.43
CA LEU A 190 -26.40 1.15 7.16
C LEU A 190 -26.89 2.19 8.18
N LEU A 191 -28.20 2.20 8.50
CA LEU A 191 -28.80 3.09 9.53
C LEU A 191 -28.20 2.80 10.91
N GLU A 192 -27.88 1.52 11.19
CA GLU A 192 -27.29 1.08 12.48
C GLU A 192 -25.84 1.58 12.55
N ILE A 193 -25.06 1.30 11.51
CA ILE A 193 -23.67 1.85 11.32
C ILE A 193 -23.73 3.38 11.47
N ALA A 194 -24.76 4.02 10.90
CA ALA A 194 -24.95 5.48 10.96
C ALA A 194 -25.06 5.94 12.43
N SER A 195 -26.03 5.39 13.17
CA SER A 195 -26.30 5.68 14.60
C SER A 195 -25.03 5.57 15.44
N CYS A 196 -24.29 4.45 15.30
CA CYS A 196 -23.04 4.15 16.04
C CYS A 196 -21.99 5.23 15.77
N LEU A 197 -21.85 5.64 14.50
CA LEU A 197 -20.81 6.62 14.04
C LEU A 197 -21.16 8.04 14.51
N GLU A 198 -22.45 8.38 14.65
CA GLU A 198 -22.87 9.73 15.12
C GLU A 198 -22.86 9.75 16.67
N LYS A 199 -22.95 8.59 17.32
CA LYS A 199 -22.82 8.45 18.79
C LYS A 199 -21.33 8.52 19.19
N ALA A 200 -20.42 8.17 18.26
CA ALA A 200 -18.95 8.23 18.45
C ALA A 200 -18.46 9.68 18.49
N LEU A 201 -19.21 10.63 17.92
CA LEU A 201 -18.86 12.07 17.90
C LEU A 201 -18.91 12.63 19.33
N GLN A 202 -19.80 12.11 20.17
CA GLN A 202 -19.96 12.57 21.58
C GLN A 202 -18.71 12.17 22.37
N VAL A 203 -18.18 10.97 22.12
CA VAL A 203 -16.94 10.42 22.75
C VAL A 203 -15.79 11.41 22.52
N PHE A 204 -15.69 11.94 21.29
CA PHE A 204 -14.66 12.92 20.86
C PHE A 204 -14.68 14.16 21.75
N HIS A 205 -15.87 14.60 22.20
CA HIS A 205 -16.06 15.80 23.06
C HIS A 205 -15.27 15.66 24.37
N GLN A 206 -15.01 14.43 24.83
CA GLN A 206 -14.32 14.13 26.12
C GLN A 206 -12.84 14.57 26.08
N ILE A 207 -12.27 14.80 24.90
CA ILE A 207 -10.83 15.22 24.74
C ILE A 207 -10.62 16.54 25.49
N HIS A 208 -11.63 17.42 25.47
CA HIS A 208 -11.63 18.75 26.14
C HIS A 208 -11.57 18.55 27.66
N ASP A 209 -12.23 17.50 28.17
CA ASP A 209 -12.36 17.18 29.62
C ASP A 209 -11.03 16.65 30.18
N HIS A 210 -10.37 15.71 29.49
CA HIS A 210 -9.26 14.90 30.06
C HIS A 210 -7.89 15.26 29.46
N VAL A 211 -7.81 16.25 28.56
CA VAL A 211 -6.52 16.64 27.90
C VAL A 211 -6.34 18.16 27.94
N ASN A 212 -5.08 18.59 27.99
CA ASN A 212 -4.65 19.99 28.22
C ASN A 212 -3.81 20.47 27.04
N PRO A 213 -4.27 21.47 26.25
CA PRO A 213 -3.57 21.90 25.04
C PRO A 213 -2.04 22.00 25.15
N LYS A 214 -1.52 22.88 26.02
CA LYS A 214 -0.07 23.22 26.11
C LYS A 214 0.72 21.96 26.52
N ALA A 215 0.15 21.14 27.41
CA ALA A 215 0.71 19.86 27.88
C ALA A 215 0.90 18.91 26.70
N PHE A 216 -0.19 18.54 26.03
CA PHE A 216 -0.15 17.66 24.83
C PHE A 216 0.94 18.15 23.88
N PHE A 217 0.87 19.45 23.50
CA PHE A 217 1.65 20.03 22.39
C PHE A 217 3.15 20.07 22.72
N SER A 218 3.51 20.53 23.93
CA SER A 218 4.91 20.83 24.32
C SER A 218 5.59 19.60 24.94
N VAL A 219 4.81 18.64 25.46
CA VAL A 219 5.33 17.46 26.22
C VAL A 219 5.07 16.18 25.40
N LEU A 220 3.82 15.71 25.35
CA LEU A 220 3.43 14.35 24.89
C LEU A 220 3.66 14.19 23.39
N ARG A 221 3.36 15.24 22.61
CA ARG A 221 3.60 15.33 21.15
C ARG A 221 5.07 15.00 20.84
N ILE A 222 6.01 15.46 21.68
CA ILE A 222 7.48 15.30 21.47
C ILE A 222 7.86 13.83 21.60
N TYR A 223 7.15 13.07 22.44
CA TYR A 223 7.50 11.67 22.82
C TYR A 223 6.93 10.69 21.80
N LEU A 224 5.72 10.95 21.31
CA LEU A 224 5.05 10.13 20.27
C LEU A 224 5.63 10.46 18.88
N SER A 225 6.43 11.53 18.77
CA SER A 225 7.11 11.98 17.52
C SER A 225 8.05 10.89 17.00
N GLY A 226 8.29 10.88 15.68
CA GLY A 226 9.10 9.87 14.98
C GLY A 226 10.35 10.45 14.34
N TRP A 227 11.16 9.58 13.72
CA TRP A 227 12.44 9.95 13.05
C TRP A 227 12.32 9.69 11.54
N LYS A 228 11.41 10.43 10.89
CA LYS A 228 11.14 10.35 9.42
C LYS A 228 10.75 11.75 8.94
N GLY A 229 11.64 12.43 8.21
CA GLY A 229 11.47 13.85 7.83
C GLY A 229 11.56 14.78 9.02
N ASN A 230 12.02 14.26 10.17
CA ASN A 230 12.33 15.04 11.40
C ASN A 230 13.75 15.57 11.25
N PRO A 231 13.99 16.90 11.34
CA PRO A 231 15.34 17.45 11.16
C PRO A 231 16.28 17.00 12.29
N GLN A 232 15.79 17.03 13.52
CA GLN A 232 16.48 16.62 14.78
C GLN A 232 17.35 15.38 14.52
N LEU A 233 16.74 14.30 13.99
CA LEU A 233 17.46 13.10 13.48
C LEU A 233 17.42 13.12 11.94
N SER A 234 18.39 13.80 11.33
CA SER A 234 18.46 14.09 9.87
C SER A 234 18.08 12.86 9.04
N ASP A 235 18.90 11.79 9.09
CA ASP A 235 18.76 10.57 8.25
C ASP A 235 18.33 9.38 9.10
N GLY A 236 17.32 9.57 9.97
CA GLY A 236 16.71 8.48 10.76
C GLY A 236 17.45 8.22 12.05
N LEU A 237 17.23 7.03 12.64
CA LEU A 237 17.86 6.55 13.90
C LEU A 237 18.69 5.30 13.59
N VAL A 238 19.84 5.14 14.26
CA VAL A 238 20.73 3.95 14.12
C VAL A 238 20.25 2.89 15.12
N TYR A 239 19.77 1.74 14.61
CA TYR A 239 19.45 0.53 15.41
C TYR A 239 20.70 -0.35 15.45
N GLU A 240 21.63 -0.02 16.36
CA GLU A 240 22.99 -0.61 16.45
C GLU A 240 22.90 -2.14 16.54
N GLY A 241 23.69 -2.84 15.73
CA GLY A 241 23.73 -4.31 15.68
C GLY A 241 22.78 -4.87 14.63
N PHE A 242 21.52 -4.41 14.62
CA PHE A 242 20.47 -4.94 13.71
C PHE A 242 20.71 -4.42 12.29
N TRP A 243 20.77 -3.10 12.06
CA TRP A 243 20.85 -2.51 10.70
C TRP A 243 22.19 -1.81 10.46
N GLU A 244 22.76 -2.07 9.28
CA GLU A 244 24.07 -1.55 8.78
C GLU A 244 24.05 -0.02 8.73
N ASP A 245 22.97 0.59 8.21
CA ASP A 245 22.77 2.07 8.12
C ASP A 245 21.72 2.48 9.14
N PRO A 246 21.40 3.79 9.31
CA PRO A 246 20.24 4.20 10.09
C PRO A 246 18.96 4.04 9.29
N LYS A 247 17.81 3.94 9.95
CA LYS A 247 16.47 3.72 9.31
C LYS A 247 15.49 4.82 9.75
N GLU A 248 14.75 5.36 8.78
CA GLU A 248 13.65 6.35 8.98
C GLU A 248 12.33 5.60 9.19
N PHE A 249 11.62 5.90 10.28
CA PHE A 249 10.25 5.40 10.58
C PHE A 249 9.40 6.55 11.14
N ALA A 250 8.16 6.66 10.65
CA ALA A 250 7.18 7.70 11.05
C ALA A 250 6.75 7.47 12.50
N GLY A 251 6.39 8.57 13.19
CA GLY A 251 5.94 8.54 14.59
C GLY A 251 4.49 8.10 14.71
N GLY A 252 4.03 7.84 15.94
CA GLY A 252 2.65 7.41 16.23
C GLY A 252 1.63 8.42 15.74
N SER A 253 0.44 7.93 15.37
CA SER A 253 -0.69 8.74 14.87
C SER A 253 -1.98 7.90 14.89
N ALA A 254 -3.13 8.54 15.07
CA ALA A 254 -4.47 7.93 14.85
C ALA A 254 -4.66 7.69 13.36
N GLY A 255 -3.77 8.25 12.52
CA GLY A 255 -3.60 7.85 11.11
C GLY A 255 -3.36 6.35 10.99
N GLN A 256 -2.71 5.78 12.00
CA GLN A 256 -2.46 4.32 12.14
C GLN A 256 -3.70 3.62 12.71
N SER A 257 -4.77 4.37 12.97
CA SER A 257 -6.11 3.84 13.33
C SER A 257 -6.72 3.17 12.10
N SER A 258 -7.18 1.92 12.26
CA SER A 258 -7.94 1.16 11.25
C SER A 258 -9.40 1.61 11.22
N VAL A 259 -9.89 2.30 12.28
CA VAL A 259 -11.32 2.69 12.45
C VAL A 259 -11.77 3.50 11.24
N PHE A 260 -11.15 4.67 11.03
CA PHE A 260 -11.59 5.68 10.02
C PHE A 260 -11.33 5.12 8.61
N GLN A 261 -10.22 4.41 8.41
CA GLN A 261 -9.86 3.78 7.10
C GLN A 261 -10.88 2.68 6.77
N CYS A 262 -11.29 1.90 7.76
CA CYS A 262 -12.27 0.79 7.65
C CYS A 262 -13.56 1.27 6.98
N PHE A 263 -14.11 2.39 7.45
CA PHE A 263 -15.42 2.95 7.02
C PHE A 263 -15.27 3.75 5.72
N ASP A 264 -14.08 4.29 5.46
CA ASP A 264 -13.72 4.88 4.14
C ASP A 264 -13.81 3.77 3.07
N VAL A 265 -13.23 2.61 3.37
CA VAL A 265 -13.15 1.44 2.44
C VAL A 265 -14.56 0.87 2.25
N LEU A 266 -15.32 0.70 3.35
CA LEU A 266 -16.69 0.12 3.34
C LEU A 266 -17.57 0.92 2.39
N LEU A 267 -17.59 2.24 2.56
CA LEU A 267 -18.51 3.18 1.87
C LEU A 267 -17.92 3.59 0.51
N GLY A 268 -16.83 2.97 0.08
CA GLY A 268 -16.18 3.22 -1.22
C GLY A 268 -15.76 4.66 -1.38
N ILE A 269 -15.29 5.28 -0.30
CA ILE A 269 -14.63 6.62 -0.30
C ILE A 269 -13.13 6.37 -0.57
N GLN A 270 -12.69 6.60 -1.81
CA GLN A 270 -11.32 6.22 -2.24
C GLN A 270 -10.33 7.26 -1.70
N GLN A 271 -10.00 7.14 -0.42
CA GLN A 271 -9.00 7.99 0.29
C GLN A 271 -7.60 7.67 -0.24
N THR A 272 -7.37 6.40 -0.59
CA THR A 272 -6.04 5.80 -0.88
C THR A 272 -5.77 5.83 -2.40
N ALA A 273 -6.62 6.50 -3.18
CA ALA A 273 -6.49 6.69 -4.65
C ALA A 273 -6.03 8.11 -4.97
N GLY A 274 -5.71 8.38 -6.24
CA GLY A 274 -5.49 9.75 -6.78
C GLY A 274 -4.01 10.08 -6.96
N GLY A 275 -3.14 9.50 -6.12
CA GLY A 275 -1.68 9.52 -6.30
C GLY A 275 -0.98 10.57 -5.46
N GLY A 276 -1.72 11.39 -4.70
CA GLY A 276 -1.20 12.58 -4.01
C GLY A 276 -0.77 12.29 -2.58
N HIS A 277 -0.40 13.35 -1.85
CA HIS A 277 0.27 13.33 -0.51
C HIS A 277 -0.65 12.71 0.56
N ALA A 278 -1.93 13.06 0.60
CA ALA A 278 -2.90 12.60 1.62
C ALA A 278 -3.15 11.10 1.46
N ALA A 279 -3.47 10.66 0.24
CA ALA A 279 -3.67 9.24 -0.15
C ALA A 279 -2.44 8.41 0.23
N GLN A 280 -1.24 8.91 -0.07
CA GLN A 280 0.06 8.20 0.17
C GLN A 280 0.26 7.98 1.67
N PHE A 281 0.07 9.02 2.50
CA PHE A 281 0.21 8.95 3.98
C PHE A 281 -0.66 7.81 4.50
N LEU A 282 -1.92 7.75 4.03
CA LEU A 282 -2.97 6.84 4.56
C LEU A 282 -2.69 5.39 4.16
N GLN A 283 -2.11 5.15 2.97
CA GLN A 283 -1.66 3.80 2.53
C GLN A 283 -0.42 3.40 3.33
N ASP A 284 0.54 4.31 3.51
CA ASP A 284 1.84 4.05 4.20
C ASP A 284 1.58 3.69 5.67
N MET A 285 0.61 4.34 6.33
CA MET A 285 0.28 4.12 7.77
C MET A 285 -0.31 2.72 8.00
N ARG A 286 -0.73 2.01 6.95
CA ARG A 286 -1.21 0.61 7.04
C ARG A 286 -0.03 -0.33 7.34
N ARG A 287 1.18 0.08 6.97
CA ARG A 287 2.44 -0.66 7.31
C ARG A 287 2.67 -0.60 8.82
N TYR A 288 2.09 0.41 9.49
CA TYR A 288 2.24 0.67 10.96
C TYR A 288 1.05 0.06 11.73
N MET A 289 0.05 -0.47 11.02
CA MET A 289 -1.08 -1.23 11.62
C MET A 289 -0.64 -2.67 11.84
N PRO A 290 -1.26 -3.39 12.81
CA PRO A 290 -0.92 -4.78 13.06
C PRO A 290 -1.11 -5.61 11.80
N PRO A 291 -0.63 -6.88 11.77
CA PRO A 291 -0.61 -7.65 10.52
C PRO A 291 -2.04 -8.00 10.06
N ALA A 292 -2.92 -8.32 11.01
CA ALA A 292 -4.29 -8.85 10.78
C ALA A 292 -5.29 -7.72 10.51
N HIS A 293 -4.96 -6.46 10.83
CA HIS A 293 -5.81 -5.27 10.59
C HIS A 293 -5.56 -4.75 9.16
N ARG A 294 -4.29 -4.59 8.81
CA ARG A 294 -3.79 -4.39 7.42
C ARG A 294 -4.54 -5.33 6.47
N ASN A 295 -4.71 -6.59 6.88
CA ASN A 295 -5.43 -7.66 6.14
C ASN A 295 -6.92 -7.30 6.04
N PHE A 296 -7.57 -7.11 7.19
CA PHE A 296 -9.02 -6.80 7.32
C PHE A 296 -9.43 -5.74 6.29
N LEU A 297 -8.59 -4.70 6.13
CA LEU A 297 -8.92 -3.51 5.31
C LEU A 297 -8.99 -3.88 3.82
N CYS A 298 -8.09 -4.74 3.34
CA CYS A 298 -8.04 -5.11 1.91
C CYS A 298 -9.04 -6.24 1.63
N SER A 299 -9.40 -7.01 2.67
CA SER A 299 -10.58 -7.92 2.66
C SER A 299 -11.85 -7.13 2.36
N LEU A 300 -11.98 -5.92 2.93
CA LEU A 300 -13.13 -5.00 2.67
C LEU A 300 -13.05 -4.46 1.24
N GLU A 301 -11.83 -4.14 0.76
CA GLU A 301 -11.60 -3.65 -0.63
C GLU A 301 -11.95 -4.76 -1.64
N SER A 302 -11.68 -6.02 -1.29
CA SER A 302 -11.97 -7.23 -2.11
C SER A 302 -13.48 -7.39 -2.34
N ASN A 303 -14.31 -6.92 -1.42
CA ASN A 303 -15.80 -7.11 -1.44
C ASN A 303 -16.40 -6.22 -2.52
N PRO A 304 -17.60 -6.57 -3.05
CA PRO A 304 -18.34 -5.67 -3.93
C PRO A 304 -18.69 -4.34 -3.24
N SER A 305 -18.79 -3.26 -4.02
CA SER A 305 -18.94 -1.86 -3.54
C SER A 305 -20.38 -1.64 -3.05
N VAL A 306 -20.54 -1.35 -1.75
CA VAL A 306 -21.80 -0.82 -1.13
C VAL A 306 -22.26 0.37 -1.97
N ARG A 307 -21.35 1.30 -2.27
CA ARG A 307 -21.65 2.55 -3.01
C ARG A 307 -22.26 2.20 -4.38
N GLU A 308 -21.56 1.38 -5.17
CA GLU A 308 -22.00 0.99 -6.54
C GLU A 308 -23.37 0.32 -6.44
N PHE A 309 -23.58 -0.53 -5.42
CA PHE A 309 -24.83 -1.27 -5.16
C PHE A 309 -25.97 -0.28 -4.88
N VAL A 310 -25.74 0.65 -3.96
CA VAL A 310 -26.77 1.63 -3.46
C VAL A 310 -27.22 2.51 -4.63
N LEU A 311 -26.30 2.95 -5.50
CA LEU A 311 -26.59 3.85 -6.65
C LEU A 311 -27.31 3.08 -7.76
N SER A 312 -27.11 1.76 -7.84
CA SER A 312 -27.69 0.90 -8.91
C SER A 312 -29.23 0.90 -8.80
N LYS A 313 -29.77 1.29 -7.64
CA LYS A 313 -31.24 1.27 -7.36
C LYS A 313 -31.74 2.71 -7.15
N GLY A 314 -32.96 2.99 -7.62
CA GLY A 314 -33.65 4.29 -7.43
C GLY A 314 -34.36 4.30 -6.08
N ASP A 315 -33.63 4.01 -5.01
CA ASP A 315 -34.15 3.68 -3.66
C ASP A 315 -33.71 4.78 -2.69
N ALA A 316 -34.62 5.72 -2.40
CA ALA A 316 -34.38 6.93 -1.58
C ALA A 316 -33.87 6.55 -0.19
N GLY A 317 -34.59 5.68 0.51
CA GLY A 317 -34.28 5.23 1.89
C GLY A 317 -32.87 4.68 1.99
N LEU A 318 -32.44 3.92 0.98
CA LEU A 318 -31.11 3.27 0.92
C LEU A 318 -30.01 4.33 0.74
N ARG A 319 -30.22 5.28 -0.18
CA ARG A 319 -29.28 6.41 -0.43
C ARG A 319 -29.17 7.27 0.85
N GLU A 320 -30.30 7.58 1.46
CA GLU A 320 -30.43 8.36 2.72
C GLU A 320 -29.56 7.70 3.81
N ALA A 321 -29.68 6.37 3.94
CA ALA A 321 -28.94 5.55 4.93
C ALA A 321 -27.44 5.56 4.62
N TYR A 322 -27.08 5.37 3.34
CA TYR A 322 -25.67 5.40 2.86
C TYR A 322 -25.08 6.79 3.15
N ASP A 323 -25.84 7.85 2.81
CA ASP A 323 -25.49 9.27 3.08
C ASP A 323 -25.31 9.50 4.58
N ALA A 324 -26.23 9.00 5.41
CA ALA A 324 -26.21 9.15 6.87
C ALA A 324 -24.85 8.68 7.43
N CYS A 325 -24.30 7.60 6.87
CA CYS A 325 -22.96 7.05 7.21
C CYS A 325 -21.88 8.05 6.78
N VAL A 326 -21.90 8.46 5.51
CA VAL A 326 -20.90 9.41 4.92
C VAL A 326 -20.96 10.73 5.71
N LYS A 327 -22.16 11.18 6.10
CA LYS A 327 -22.38 12.41 6.93
C LYS A 327 -21.64 12.26 8.27
N ALA A 328 -21.93 11.17 8.98
CA ALA A 328 -21.30 10.81 10.27
C ALA A 328 -19.78 10.99 10.17
N LEU A 329 -19.17 10.48 9.09
CA LEU A 329 -17.70 10.52 8.86
C LEU A 329 -17.24 11.97 8.65
N VAL A 330 -17.98 12.77 7.90
CA VAL A 330 -17.68 14.22 7.68
C VAL A 330 -17.76 14.93 9.05
N SER A 331 -18.88 14.77 9.75
CA SER A 331 -19.12 15.30 11.12
C SER A 331 -17.87 15.14 11.98
N LEU A 332 -17.36 13.91 12.07
CA LEU A 332 -16.21 13.53 12.96
C LEU A 332 -14.95 14.28 12.50
N ARG A 333 -14.69 14.26 11.19
CA ARG A 333 -13.51 14.90 10.56
C ARG A 333 -13.64 16.43 10.67
N SER A 334 -14.87 16.96 10.59
CA SER A 334 -15.18 18.40 10.81
C SER A 334 -14.90 18.78 12.26
N TYR A 335 -15.29 17.92 13.23
CA TYR A 335 -15.07 18.16 14.68
C TYR A 335 -13.58 17.99 14.99
N HIS A 336 -12.95 16.99 14.38
CA HIS A 336 -11.52 16.67 14.56
C HIS A 336 -10.66 17.88 14.15
N LEU A 337 -11.11 18.65 13.15
CA LEU A 337 -10.40 19.87 12.66
C LEU A 337 -10.36 20.93 13.77
N GLN A 338 -11.40 20.98 14.61
CA GLN A 338 -11.52 21.94 15.75
C GLN A 338 -10.58 21.51 16.88
N ILE A 339 -10.50 20.20 17.14
CA ILE A 339 -9.53 19.61 18.11
C ILE A 339 -8.13 20.09 17.74
N VAL A 340 -7.75 19.90 16.47
CA VAL A 340 -6.37 20.16 15.96
C VAL A 340 -6.05 21.65 16.11
N THR A 341 -7.02 22.53 15.82
CA THR A 341 -6.90 24.01 16.03
C THR A 341 -6.59 24.30 17.50
N LYS A 342 -7.34 23.71 18.43
CA LYS A 342 -7.22 23.98 19.89
C LYS A 342 -5.90 23.41 20.42
N TYR A 343 -5.50 22.21 19.98
CA TYR A 343 -4.44 21.40 20.66
C TYR A 343 -3.10 21.46 19.93
N ILE A 344 -3.07 21.85 18.65
CA ILE A 344 -1.78 21.97 17.89
C ILE A 344 -1.59 23.40 17.41
N LEU A 345 -2.57 23.99 16.71
CA LEU A 345 -2.37 25.28 16.00
C LEU A 345 -2.08 26.40 16.99
N ILE A 346 -2.92 26.57 18.02
CA ILE A 346 -2.81 27.70 19.00
C ILE A 346 -1.61 27.48 19.91
N PRO A 347 -1.48 26.32 20.62
CA PRO A 347 -0.25 26.01 21.35
C PRO A 347 1.05 26.33 20.60
N ALA A 348 1.11 26.02 19.30
CA ALA A 348 2.28 26.28 18.41
C ALA A 348 2.52 27.79 18.27
N SER A 349 1.44 28.58 18.29
CA SER A 349 1.46 30.06 18.13
C SER A 349 1.89 30.77 19.41
N GLN A 350 1.95 30.06 20.55
CA GLN A 350 2.36 30.60 21.88
C GLN A 350 3.75 30.06 22.26
N GLN A 351 4.55 29.61 21.28
CA GLN A 351 5.81 28.84 21.48
C GLN A 351 7.00 29.70 21.06
N PRO A 352 7.66 30.45 21.99
CA PRO A 352 8.75 31.36 21.61
C PRO A 352 10.03 30.61 21.21
N ALA A 366 3.05 24.49 12.69
CA ALA A 366 2.47 23.22 13.18
C ALA A 366 3.46 22.07 12.99
N LYS A 367 3.07 20.87 13.45
CA LYS A 367 3.78 19.57 13.30
C LYS A 367 3.15 18.57 14.28
N GLY A 368 2.18 17.79 13.82
CA GLY A 368 1.57 16.70 14.59
C GLY A 368 2.54 15.54 14.72
N THR A 369 2.17 14.51 15.48
CA THR A 369 3.04 13.36 15.83
C THR A 369 3.37 12.55 14.57
N GLY A 370 2.46 12.51 13.59
CA GLY A 370 2.59 11.71 12.35
C GLY A 370 3.61 12.28 11.38
N GLY A 371 3.54 13.59 11.11
CA GLY A 371 4.46 14.32 10.21
C GLY A 371 3.83 14.60 8.86
N THR A 372 2.97 15.61 8.78
CA THR A 372 2.12 15.96 7.60
C THR A 372 1.90 17.49 7.55
N ASP A 373 1.65 18.08 6.38
CA ASP A 373 1.11 19.47 6.26
C ASP A 373 -0.35 19.41 6.72
N LEU A 374 -0.53 19.24 8.03
CA LEU A 374 -1.71 18.56 8.63
C LEU A 374 -3.01 19.30 8.29
N MET A 375 -3.01 20.64 8.26
CA MET A 375 -4.29 21.40 8.18
C MET A 375 -4.93 21.21 6.81
N ASN A 376 -4.13 21.23 5.74
CA ASN A 376 -4.61 21.02 4.34
C ASN A 376 -4.54 19.53 3.97
N PHE A 377 -3.85 18.71 4.77
CA PHE A 377 -3.95 17.23 4.73
C PHE A 377 -5.35 16.80 5.22
N LEU A 378 -5.71 17.19 6.45
CA LEU A 378 -7.02 16.84 7.08
C LEU A 378 -8.17 17.30 6.17
N LYS A 379 -8.09 18.49 5.59
CA LYS A 379 -9.19 19.12 4.81
C LYS A 379 -9.30 18.48 3.42
N THR A 380 -8.19 17.97 2.86
CA THR A 380 -8.19 17.06 1.68
C THR A 380 -9.01 15.82 2.04
N VAL A 381 -8.62 15.15 3.13
CA VAL A 381 -9.24 13.88 3.62
C VAL A 381 -10.71 14.17 3.98
N ARG A 382 -11.00 15.34 4.54
CA ARG A 382 -12.38 15.77 4.92
C ARG A 382 -13.18 16.02 3.63
N SER A 383 -12.57 16.70 2.65
CA SER A 383 -13.19 17.05 1.34
C SER A 383 -13.55 15.78 0.57
N THR A 384 -12.58 14.87 0.41
CA THR A 384 -12.73 13.56 -0.29
C THR A 384 -13.93 12.81 0.29
N THR A 385 -14.16 12.92 1.61
CA THR A 385 -15.28 12.25 2.32
C THR A 385 -16.62 12.84 1.85
N GLU A 386 -16.78 14.17 1.90
CA GLU A 386 -18.10 14.81 1.57
C GLU A 386 -18.35 14.76 0.05
N LYS A 387 -17.33 14.49 -0.76
CA LYS A 387 -17.49 14.28 -2.24
C LYS A 387 -18.27 13.00 -2.53
N SER A 388 -18.43 12.11 -1.54
CA SER A 388 -19.08 10.77 -1.71
C SER A 388 -20.57 10.85 -1.34
N LEU A 389 -21.08 12.04 -0.99
CA LEU A 389 -22.51 12.27 -0.61
C LEU A 389 -23.39 12.15 -1.86
N LEU A 390 -24.32 11.19 -1.86
CA LEU A 390 -25.16 10.81 -3.04
C LEU A 390 -26.20 11.89 -3.34
N LYS A 391 -27.12 12.12 -2.38
CA LYS A 391 -28.27 13.05 -2.53
C LYS A 391 -29.22 12.52 -3.62
N GLU B 4 -13.49 -13.87 -8.44
CA GLU B 4 -13.55 -12.38 -8.64
C GLU B 4 -12.13 -11.80 -8.61
N TYR B 5 -11.16 -12.48 -9.25
CA TYR B 5 -9.73 -12.09 -9.28
C TYR B 5 -9.25 -11.85 -10.72
N HIS B 6 -10.14 -12.01 -11.71
CA HIS B 6 -9.87 -11.75 -13.15
C HIS B 6 -8.59 -12.48 -13.58
N ILE B 7 -8.38 -13.70 -13.05
CA ILE B 7 -7.25 -14.60 -13.42
C ILE B 7 -7.81 -15.71 -14.32
N ASP B 8 -7.31 -15.79 -15.55
CA ASP B 8 -7.58 -16.88 -16.51
C ASP B 8 -6.66 -18.07 -16.16
N GLU B 9 -7.10 -19.30 -16.42
CA GLU B 9 -6.23 -20.51 -16.27
C GLU B 9 -5.02 -20.36 -17.21
N GLU B 10 -5.28 -19.94 -18.45
CA GLU B 10 -4.33 -20.02 -19.58
C GLU B 10 -3.37 -18.81 -19.57
N VAL B 11 -3.91 -17.59 -19.54
CA VAL B 11 -3.14 -16.32 -19.75
C VAL B 11 -2.89 -15.61 -18.41
N GLY B 12 -3.42 -16.12 -17.30
CA GLY B 12 -3.19 -15.60 -15.94
C GLY B 12 -3.70 -14.18 -15.78
N PHE B 13 -2.79 -13.22 -15.58
CA PHE B 13 -3.09 -11.80 -15.28
C PHE B 13 -3.36 -11.04 -16.58
N ALA B 14 -2.84 -11.54 -17.70
CA ALA B 14 -3.15 -11.04 -19.07
C ALA B 14 -4.66 -11.13 -19.32
N LEU B 15 -5.22 -10.08 -19.91
CA LEU B 15 -6.65 -9.98 -20.30
C LEU B 15 -6.89 -10.94 -21.47
N PRO B 16 -7.71 -12.01 -21.33
CA PRO B 16 -7.83 -13.02 -22.37
C PRO B 16 -8.54 -12.47 -23.62
N ASN B 17 -7.96 -12.72 -24.80
CA ASN B 17 -8.48 -12.26 -26.13
C ASN B 17 -8.97 -10.82 -26.01
N PRO B 18 -8.06 -9.82 -25.85
CA PRO B 18 -8.45 -8.42 -25.77
C PRO B 18 -9.27 -7.94 -26.99
N GLN B 19 -10.10 -6.92 -26.78
CA GLN B 19 -10.88 -6.26 -27.87
C GLN B 19 -9.91 -5.40 -28.70
N GLU B 20 -10.13 -5.36 -30.03
CA GLU B 20 -9.24 -4.66 -31.00
C GLU B 20 -9.87 -3.34 -31.45
N ASN B 21 -11.21 -3.29 -31.48
CA ASN B 21 -12.00 -2.16 -32.07
C ASN B 21 -12.92 -1.57 -31.00
N LEU B 22 -12.94 -0.23 -30.90
CA LEU B 22 -13.99 0.51 -30.13
C LEU B 22 -15.19 0.71 -31.03
N PRO B 23 -16.39 0.99 -30.46
CA PRO B 23 -17.53 1.45 -31.25
C PRO B 23 -17.14 2.60 -32.21
N ASP B 24 -17.94 2.81 -33.26
CA ASP B 24 -17.71 3.85 -34.30
C ASP B 24 -17.62 5.23 -33.64
N PHE B 25 -18.32 5.44 -32.52
CA PHE B 25 -18.38 6.71 -31.76
C PHE B 25 -16.96 7.22 -31.44
N TYR B 26 -16.02 6.30 -31.15
CA TYR B 26 -14.62 6.61 -30.74
C TYR B 26 -13.64 6.32 -31.89
N ASN B 27 -13.99 6.72 -33.11
CA ASN B 27 -13.14 6.51 -34.32
C ASN B 27 -12.04 7.59 -34.37
N ASP B 28 -12.27 8.76 -33.75
CA ASP B 28 -11.30 9.88 -33.68
C ASP B 28 -10.13 9.48 -32.77
N TRP B 29 -10.41 8.68 -31.75
CA TRP B 29 -9.40 8.11 -30.81
C TRP B 29 -8.57 7.04 -31.54
N MET B 30 -9.27 6.01 -32.04
CA MET B 30 -8.66 4.81 -32.67
C MET B 30 -7.74 5.24 -33.82
N PHE B 31 -8.10 6.28 -34.57
CA PHE B 31 -7.28 6.82 -35.68
C PHE B 31 -5.92 7.30 -35.14
N ILE B 32 -5.93 8.15 -34.10
CA ILE B 32 -4.70 8.78 -33.54
C ILE B 32 -3.82 7.68 -32.94
N ALA B 33 -4.44 6.69 -32.27
CA ALA B 33 -3.77 5.53 -31.64
C ALA B 33 -3.14 4.65 -32.72
N LYS B 34 -3.93 4.19 -33.69
CA LYS B 34 -3.47 3.28 -34.79
C LYS B 34 -2.30 3.91 -35.56
N HIS B 35 -2.30 5.24 -35.74
CA HIS B 35 -1.35 5.95 -36.64
C HIS B 35 -0.43 6.90 -35.84
N LEU B 36 -0.13 6.56 -34.58
CA LEU B 36 0.81 7.33 -33.72
C LEU B 36 2.15 7.50 -34.42
N PRO B 37 2.78 6.42 -34.94
CA PRO B 37 4.11 6.51 -35.53
C PRO B 37 4.14 7.49 -36.71
N ASP B 38 3.08 7.43 -37.54
CA ASP B 38 2.91 8.24 -38.76
C ASP B 38 2.68 9.70 -38.36
N LEU B 39 1.78 9.94 -37.40
CA LEU B 39 1.39 11.31 -36.93
C LEU B 39 2.56 11.96 -36.18
N ILE B 40 3.22 11.23 -35.25
CA ILE B 40 4.40 11.76 -34.49
C ILE B 40 5.50 12.14 -35.49
N GLU B 41 5.79 11.24 -36.43
CA GLU B 41 6.79 11.42 -37.52
C GLU B 41 6.59 12.76 -38.23
N SER B 42 5.35 13.05 -38.62
CA SER B 42 4.97 14.18 -39.51
C SER B 42 4.66 15.45 -38.70
N GLY B 43 4.84 15.41 -37.37
CA GLY B 43 4.55 16.52 -36.45
C GLY B 43 3.08 16.94 -36.50
N GLN B 44 2.18 16.02 -36.88
CA GLN B 44 0.71 16.24 -36.94
C GLN B 44 0.06 15.83 -35.63
N LEU B 45 0.73 15.02 -34.81
CA LEU B 45 0.08 14.30 -33.68
C LEU B 45 -0.60 15.32 -32.76
N ARG B 46 0.20 16.17 -32.11
CA ARG B 46 -0.26 17.13 -31.07
C ARG B 46 -1.47 17.90 -31.61
N GLU B 47 -1.45 18.26 -32.89
CA GLU B 47 -2.56 18.97 -33.59
C GLU B 47 -3.84 18.13 -33.54
N ARG B 48 -3.79 16.87 -34.01
CA ARG B 48 -4.98 15.96 -34.08
C ARG B 48 -5.61 15.81 -32.68
N VAL B 49 -4.79 15.84 -31.63
CA VAL B 49 -5.23 15.74 -30.20
C VAL B 49 -5.96 17.03 -29.83
N GLU B 50 -5.35 18.19 -30.13
CA GLU B 50 -5.86 19.54 -29.80
C GLU B 50 -7.17 19.81 -30.55
N LYS B 51 -7.31 19.24 -31.76
CA LYS B 51 -8.50 19.38 -32.66
C LYS B 51 -9.61 18.41 -32.23
N LEU B 52 -9.27 17.39 -31.44
CA LEU B 52 -10.19 16.33 -30.95
C LEU B 52 -11.34 16.97 -30.17
N ASN B 53 -12.59 16.56 -30.44
CA ASN B 53 -13.77 16.86 -29.58
C ASN B 53 -13.65 16.05 -28.29
N MET B 54 -14.41 16.42 -27.25
CA MET B 54 -14.59 15.62 -26.02
C MET B 54 -15.67 14.56 -26.28
N LEU B 55 -15.33 13.27 -26.11
CA LEU B 55 -16.27 12.13 -26.29
C LEU B 55 -16.68 11.59 -24.91
N SER B 56 -17.95 11.21 -24.76
CA SER B 56 -18.51 10.56 -23.55
C SER B 56 -18.01 9.12 -23.47
N ILE B 57 -17.61 8.66 -22.28
CA ILE B 57 -17.12 7.26 -22.04
C ILE B 57 -18.32 6.34 -21.80
N ASP B 58 -19.55 6.89 -21.84
CA ASP B 58 -20.80 6.18 -21.50
C ASP B 58 -21.10 5.09 -22.54
N HIS B 59 -20.66 5.25 -23.79
CA HIS B 59 -20.93 4.30 -24.90
C HIS B 59 -19.98 3.10 -24.83
N LEU B 60 -18.97 3.14 -23.96
CA LEU B 60 -18.07 2.00 -23.64
C LEU B 60 -18.78 1.08 -22.63
N THR B 61 -19.52 0.09 -23.13
CA THR B 61 -20.44 -0.76 -22.32
C THR B 61 -19.64 -1.69 -21.39
N ASP B 62 -18.94 -2.69 -21.94
CA ASP B 62 -18.30 -3.78 -21.14
C ASP B 62 -16.87 -3.40 -20.75
N HIS B 63 -16.24 -4.23 -19.90
CA HIS B 63 -14.88 -4.05 -19.32
C HIS B 63 -13.81 -4.00 -20.43
N LYS B 64 -13.86 -4.94 -21.37
CA LYS B 64 -12.85 -5.10 -22.45
C LYS B 64 -12.80 -3.84 -23.32
N SER B 65 -13.97 -3.27 -23.65
CA SER B 65 -14.12 -1.96 -24.34
C SER B 65 -13.43 -0.86 -23.52
N GLN B 66 -13.71 -0.81 -22.22
CA GLN B 66 -13.15 0.21 -21.27
C GLN B 66 -11.63 0.08 -21.22
N ARG B 67 -11.10 -1.15 -21.29
CA ARG B 67 -9.65 -1.45 -21.22
C ARG B 67 -8.96 -0.98 -22.50
N LEU B 68 -9.52 -1.34 -23.66
CA LEU B 68 -9.00 -0.90 -24.99
C LEU B 68 -8.98 0.63 -25.02
N ALA B 69 -10.08 1.27 -24.60
CA ALA B 69 -10.22 2.74 -24.54
C ALA B 69 -9.14 3.32 -23.62
N ARG B 70 -8.83 2.64 -22.50
CA ARG B 70 -7.76 3.01 -21.55
C ARG B 70 -6.40 2.92 -22.27
N LEU B 71 -6.16 1.81 -22.98
CA LEU B 71 -4.94 1.55 -23.77
C LEU B 71 -4.76 2.65 -24.82
N VAL B 72 -5.83 2.91 -25.58
CA VAL B 72 -5.87 3.90 -26.70
C VAL B 72 -5.45 5.27 -26.17
N LEU B 73 -6.16 5.77 -25.14
CA LEU B 73 -5.95 7.12 -24.55
C LEU B 73 -4.57 7.19 -23.88
N GLY B 74 -4.13 6.09 -23.27
CA GLY B 74 -2.82 6.00 -22.59
C GLY B 74 -1.67 6.19 -23.56
N CYS B 75 -1.75 5.55 -24.73
CA CYS B 75 -0.74 5.63 -25.82
C CYS B 75 -0.73 7.06 -26.40
N ILE B 76 -1.91 7.63 -26.63
CA ILE B 76 -2.09 9.02 -27.15
C ILE B 76 -1.48 10.00 -26.16
N THR B 77 -1.72 9.81 -24.86
CA THR B 77 -1.23 10.69 -23.77
C THR B 77 0.30 10.69 -23.80
N MET B 78 0.90 9.50 -23.76
CA MET B 78 2.38 9.30 -23.82
C MET B 78 2.94 10.02 -25.04
N ALA B 79 2.34 9.77 -26.21
CA ALA B 79 2.67 10.39 -27.51
C ALA B 79 2.60 11.92 -27.36
N TYR B 80 1.47 12.44 -26.89
CA TYR B 80 1.22 13.90 -26.73
C TYR B 80 2.32 14.53 -25.87
N VAL B 81 2.53 14.01 -24.66
CA VAL B 81 3.47 14.57 -23.65
C VAL B 81 4.89 14.59 -24.25
N TRP B 82 5.39 13.44 -24.67
CA TRP B 82 6.81 13.25 -25.08
C TRP B 82 7.03 13.72 -26.52
N GLY B 83 5.96 13.79 -27.33
CA GLY B 83 6.00 14.27 -28.72
C GLY B 83 6.88 13.39 -29.59
N LYS B 84 8.03 13.92 -30.03
CA LYS B 84 8.98 13.23 -30.95
C LYS B 84 10.02 12.45 -30.14
N GLY B 85 9.89 12.44 -28.81
CA GLY B 85 10.76 11.68 -27.89
C GLY B 85 12.13 12.34 -27.74
N HIS B 86 12.23 13.63 -28.09
CA HIS B 86 13.50 14.38 -28.20
C HIS B 86 13.52 15.53 -27.19
N GLY B 87 12.66 15.49 -26.17
CA GLY B 87 12.70 16.40 -25.01
C GLY B 87 11.71 17.54 -25.12
N ASP B 88 11.22 17.86 -26.33
CA ASP B 88 10.12 18.82 -26.57
C ASP B 88 8.84 18.21 -25.99
N VAL B 89 8.44 18.62 -24.78
CA VAL B 89 7.32 18.01 -24.01
C VAL B 89 6.19 19.02 -23.88
N ARG B 90 4.98 18.53 -23.61
CA ARG B 90 3.78 19.34 -23.26
C ARG B 90 3.36 18.98 -21.83
N LYS B 91 3.15 20.00 -20.99
CA LYS B 91 2.93 19.85 -19.53
C LYS B 91 1.46 20.06 -19.17
N VAL B 92 0.59 20.18 -20.19
CA VAL B 92 -0.90 20.24 -20.03
C VAL B 92 -1.54 19.29 -21.04
N LEU B 93 -2.35 18.34 -20.58
CA LEU B 93 -3.14 17.43 -21.44
C LEU B 93 -4.46 18.11 -21.79
N PRO B 94 -4.65 18.59 -23.04
CA PRO B 94 -5.90 19.23 -23.45
C PRO B 94 -7.15 18.51 -22.90
N ARG B 95 -8.15 19.29 -22.50
CA ARG B 95 -9.32 18.82 -21.69
C ARG B 95 -10.16 17.84 -22.52
N ASN B 96 -10.17 17.98 -23.85
CA ASN B 96 -10.96 17.13 -24.78
C ASN B 96 -10.57 15.65 -24.60
N ILE B 97 -9.32 15.36 -24.19
CA ILE B 97 -8.82 13.98 -23.97
C ILE B 97 -8.62 13.71 -22.47
N ALA B 98 -8.07 14.66 -21.70
CA ALA B 98 -7.76 14.51 -20.26
C ALA B 98 -9.02 14.11 -19.49
N VAL B 99 -10.15 14.77 -19.75
CA VAL B 99 -11.41 14.60 -18.96
C VAL B 99 -11.94 13.17 -19.15
N PRO B 100 -12.16 12.67 -20.38
CA PRO B 100 -12.60 11.29 -20.58
C PRO B 100 -11.58 10.22 -20.13
N TYR B 101 -10.28 10.47 -20.31
CA TYR B 101 -9.19 9.55 -19.87
C TYR B 101 -9.27 9.36 -18.36
N CYS B 102 -9.45 10.47 -17.62
CA CYS B 102 -9.53 10.52 -16.13
C CYS B 102 -10.83 9.88 -15.63
N GLN B 103 -11.96 10.11 -16.32
CA GLN B 103 -13.28 9.51 -15.98
C GLN B 103 -13.19 7.99 -16.14
N LEU B 104 -12.59 7.52 -17.24
CA LEU B 104 -12.38 6.08 -17.55
C LEU B 104 -11.43 5.49 -16.50
N SER B 105 -10.38 6.23 -16.15
CA SER B 105 -9.33 5.85 -15.18
C SER B 105 -9.92 5.75 -13.77
N LYS B 106 -10.76 6.72 -13.37
CA LYS B 106 -11.47 6.70 -12.06
C LYS B 106 -12.35 5.45 -11.98
N LYS B 107 -13.07 5.12 -13.05
CA LYS B 107 -14.04 3.98 -13.08
C LYS B 107 -13.29 2.65 -12.92
N LEU B 108 -12.09 2.53 -13.50
CA LEU B 108 -11.30 1.27 -13.53
C LEU B 108 -10.29 1.26 -12.38
N GLU B 109 -10.32 2.29 -11.51
CA GLU B 109 -9.48 2.42 -10.28
C GLU B 109 -7.99 2.37 -10.65
N LEU B 110 -7.63 2.91 -11.82
CA LEU B 110 -6.21 3.01 -12.28
C LEU B 110 -5.81 4.48 -12.38
N PRO B 111 -4.49 4.80 -12.36
CA PRO B 111 -4.02 6.14 -12.69
C PRO B 111 -4.35 6.54 -14.12
N PRO B 112 -4.42 7.86 -14.42
CA PRO B 112 -4.54 8.35 -15.79
C PRO B 112 -3.16 8.49 -16.46
N ILE B 113 -2.39 7.39 -16.46
CA ILE B 113 -1.13 7.21 -17.23
C ILE B 113 -1.08 5.76 -17.70
N LEU B 114 -0.38 5.49 -18.80
CA LEU B 114 -0.24 4.13 -19.39
C LEU B 114 0.49 3.24 -18.39
N VAL B 115 -0.05 2.04 -18.12
CA VAL B 115 0.55 1.07 -17.16
C VAL B 115 0.78 -0.27 -17.87
N TYR B 116 1.50 -1.17 -17.18
CA TYR B 116 1.82 -2.54 -17.62
C TYR B 116 0.54 -3.23 -18.12
N ALA B 117 -0.54 -3.14 -17.33
CA ALA B 117 -1.85 -3.78 -17.62
C ALA B 117 -2.43 -3.25 -18.94
N ASP B 118 -2.11 -2.01 -19.31
CA ASP B 118 -2.53 -1.42 -20.61
C ASP B 118 -1.67 -1.99 -21.74
N CYS B 119 -0.38 -1.62 -21.76
CA CYS B 119 0.52 -1.76 -22.93
C CYS B 119 1.07 -3.19 -23.05
N VAL B 120 0.84 -4.05 -22.05
CA VAL B 120 1.21 -5.50 -22.12
C VAL B 120 -0.07 -6.35 -22.05
N LEU B 121 -0.82 -6.30 -20.94
CA LEU B 121 -1.88 -7.29 -20.62
C LEU B 121 -3.08 -7.14 -21.58
N ALA B 122 -3.29 -5.96 -22.17
CA ALA B 122 -4.46 -5.66 -23.05
C ALA B 122 -4.01 -5.19 -24.44
N ASN B 123 -2.70 -5.26 -24.73
CA ASN B 123 -2.09 -4.76 -25.99
C ASN B 123 -1.66 -5.96 -26.83
N TRP B 124 -2.60 -6.85 -27.20
CA TRP B 124 -2.24 -8.07 -27.98
C TRP B 124 -3.47 -8.74 -28.61
N LYS B 125 -3.19 -9.50 -29.67
CA LYS B 125 -4.13 -10.35 -30.45
C LYS B 125 -3.33 -11.56 -30.94
N LYS B 126 -3.99 -12.71 -31.12
CA LYS B 126 -3.40 -13.84 -31.88
C LYS B 126 -3.85 -13.71 -33.34
N LYS B 127 -2.92 -13.98 -34.28
CA LYS B 127 -3.12 -13.79 -35.73
C LYS B 127 -4.18 -14.79 -36.23
N ASP B 128 -4.02 -16.08 -35.87
CA ASP B 128 -5.00 -17.16 -36.13
C ASP B 128 -5.67 -17.56 -34.81
N PRO B 129 -6.95 -17.19 -34.58
CA PRO B 129 -7.66 -17.49 -33.34
C PRO B 129 -7.62 -18.95 -32.86
N ASN B 130 -7.55 -19.92 -33.78
CA ASN B 130 -7.56 -21.37 -33.46
C ASN B 130 -6.13 -21.93 -33.51
N LYS B 131 -5.12 -21.09 -33.26
CA LYS B 131 -3.69 -21.49 -33.09
C LYS B 131 -3.22 -21.06 -31.71
N PRO B 132 -2.06 -21.55 -31.22
CA PRO B 132 -1.67 -21.35 -29.83
C PRO B 132 -0.95 -20.02 -29.56
N LEU B 133 -0.67 -19.73 -28.29
CA LEU B 133 -0.03 -18.47 -27.81
C LEU B 133 1.48 -18.56 -27.96
N THR B 134 1.94 -18.64 -29.21
CA THR B 134 3.37 -18.61 -29.61
C THR B 134 3.64 -17.23 -30.22
N TYR B 135 4.80 -16.64 -29.93
CA TYR B 135 5.25 -15.32 -30.45
C TYR B 135 4.85 -15.20 -31.93
N GLU B 136 5.11 -16.27 -32.70
CA GLU B 136 4.87 -16.39 -34.16
C GLU B 136 3.40 -16.08 -34.51
N ASN B 137 2.45 -16.51 -33.68
CA ASN B 137 0.99 -16.37 -33.93
C ASN B 137 0.43 -15.21 -33.09
N MET B 138 1.21 -14.14 -32.88
CA MET B 138 0.82 -13.02 -31.97
C MET B 138 1.36 -11.68 -32.47
N ASP B 139 0.59 -10.61 -32.23
CA ASP B 139 1.00 -9.20 -32.47
C ASP B 139 0.44 -8.32 -31.36
N VAL B 140 1.05 -7.15 -31.14
CA VAL B 140 0.52 -6.05 -30.29
C VAL B 140 -0.53 -5.30 -31.11
N LEU B 141 -1.27 -4.39 -30.46
CA LEU B 141 -2.26 -3.51 -31.14
C LEU B 141 -1.65 -2.13 -31.42
N PHE B 142 -0.84 -1.60 -30.51
CA PHE B 142 -0.34 -0.20 -30.55
C PHE B 142 1.17 -0.14 -30.32
N SER B 143 1.85 0.58 -31.21
CA SER B 143 3.27 0.98 -31.12
C SER B 143 3.35 2.50 -31.02
N PHE B 144 4.50 3.03 -30.58
CA PHE B 144 4.76 4.49 -30.51
C PHE B 144 5.38 4.97 -31.82
N ARG B 145 6.51 4.39 -32.22
CA ARG B 145 7.29 4.80 -33.42
C ARG B 145 7.68 3.57 -34.25
N ASP B 146 8.00 3.79 -35.53
CA ASP B 146 8.54 2.76 -36.45
C ASP B 146 9.91 2.31 -35.94
N GLY B 147 10.10 1.00 -35.75
CA GLY B 147 11.35 0.38 -35.26
C GLY B 147 11.67 0.76 -33.82
N ASP B 148 10.66 0.88 -32.96
CA ASP B 148 10.83 1.02 -31.49
C ASP B 148 10.91 -0.38 -30.86
N CYS B 149 10.82 -1.43 -31.69
CA CYS B 149 10.87 -2.86 -31.30
C CYS B 149 9.87 -3.11 -30.17
N SER B 150 8.72 -2.43 -30.22
CA SER B 150 7.65 -2.45 -29.19
C SER B 150 6.87 -3.78 -29.25
N LYS B 151 6.71 -4.36 -30.45
CA LYS B 151 6.07 -5.70 -30.61
C LYS B 151 6.86 -6.72 -29.79
N GLY B 152 8.18 -6.75 -29.96
CA GLY B 152 9.10 -7.67 -29.26
C GLY B 152 9.06 -7.47 -27.76
N PHE B 153 9.14 -6.22 -27.30
CA PHE B 153 9.22 -5.85 -25.86
C PHE B 153 7.93 -6.26 -25.15
N PHE B 154 6.78 -5.84 -25.67
CA PHE B 154 5.43 -6.10 -25.09
C PHE B 154 5.11 -7.60 -25.12
N LEU B 155 5.30 -8.27 -26.27
CA LEU B 155 4.92 -9.69 -26.46
C LEU B 155 5.81 -10.61 -25.60
N VAL B 156 7.11 -10.36 -25.52
CA VAL B 156 8.02 -11.21 -24.68
C VAL B 156 7.55 -11.09 -23.23
N SER B 157 7.48 -9.86 -22.70
CA SER B 157 6.90 -9.52 -21.38
C SER B 157 5.62 -10.31 -21.14
N LEU B 158 4.73 -10.31 -22.14
CA LEU B 158 3.40 -10.97 -22.10
C LEU B 158 3.56 -12.50 -22.07
N LEU B 159 4.48 -13.06 -22.88
CA LEU B 159 4.70 -14.53 -22.97
C LEU B 159 5.32 -15.02 -21.66
N VAL B 160 6.10 -14.17 -20.98
CA VAL B 160 6.72 -14.45 -19.66
C VAL B 160 5.61 -14.49 -18.60
N GLU B 161 4.62 -13.58 -18.69
CA GLU B 161 3.42 -13.57 -17.81
C GLU B 161 2.69 -14.90 -17.93
N ILE B 162 2.36 -15.25 -19.18
CA ILE B 162 1.62 -16.49 -19.58
C ILE B 162 2.36 -17.71 -19.04
N ALA B 163 3.69 -17.76 -19.24
CA ALA B 163 4.56 -18.84 -18.74
C ALA B 163 4.34 -19.02 -17.23
N ALA B 164 4.29 -17.91 -16.49
CA ALA B 164 4.16 -17.86 -15.01
C ALA B 164 2.71 -18.15 -14.58
N ALA B 165 1.73 -17.96 -15.48
CA ALA B 165 0.29 -18.17 -15.21
C ALA B 165 0.01 -19.65 -14.93
N SER B 166 0.81 -20.55 -15.51
CA SER B 166 0.75 -22.02 -15.30
C SER B 166 0.86 -22.34 -13.80
N ALA B 167 1.60 -21.51 -13.06
CA ALA B 167 1.82 -21.63 -11.59
C ALA B 167 0.61 -21.08 -10.83
N ILE B 168 0.01 -19.98 -11.29
CA ILE B 168 -1.06 -19.25 -10.54
C ILE B 168 -2.14 -20.26 -10.13
N LYS B 169 -2.57 -21.14 -11.04
CA LYS B 169 -3.68 -22.10 -10.82
C LYS B 169 -3.28 -23.15 -9.76
N VAL B 170 -1.99 -23.29 -9.45
CA VAL B 170 -1.44 -24.26 -8.45
C VAL B 170 -1.65 -23.71 -7.03
N ILE B 171 -1.74 -22.40 -6.87
CA ILE B 171 -1.62 -21.68 -5.57
C ILE B 171 -2.71 -22.14 -4.59
N PRO B 172 -3.98 -22.33 -5.01
CA PRO B 172 -5.01 -22.87 -4.12
C PRO B 172 -4.67 -24.28 -3.60
N THR B 173 -4.09 -25.14 -4.44
CA THR B 173 -3.62 -26.51 -4.04
C THR B 173 -2.65 -26.37 -2.87
N VAL B 174 -1.77 -25.37 -2.91
CA VAL B 174 -0.69 -25.16 -1.89
C VAL B 174 -1.34 -24.86 -0.53
N PHE B 175 -2.30 -23.94 -0.46
CA PHE B 175 -2.92 -23.48 0.83
C PHE B 175 -3.91 -24.53 1.34
N LYS B 176 -4.63 -25.21 0.44
CA LYS B 176 -5.51 -26.35 0.78
C LYS B 176 -4.66 -27.48 1.38
N ALA B 177 -3.57 -27.84 0.70
CA ALA B 177 -2.64 -28.94 1.09
C ALA B 177 -2.06 -28.66 2.48
N MET B 178 -1.77 -27.39 2.81
CA MET B 178 -1.26 -26.99 4.14
C MET B 178 -2.38 -27.09 5.17
N GLN B 179 -3.61 -26.73 4.78
CA GLN B 179 -4.82 -26.75 5.64
C GLN B 179 -5.09 -28.18 6.13
N MET B 180 -5.00 -29.18 5.24
CA MET B 180 -5.41 -30.58 5.52
C MET B 180 -4.18 -31.48 5.74
N GLN B 181 -2.99 -30.89 5.92
CA GLN B 181 -1.74 -31.58 6.33
C GLN B 181 -1.29 -32.58 5.25
N GLU B 182 -1.79 -32.43 4.02
CA GLU B 182 -1.48 -33.32 2.86
C GLU B 182 -0.07 -32.97 2.37
N ARG B 183 0.95 -33.57 2.97
CA ARG B 183 2.39 -33.27 2.71
C ARG B 183 2.70 -33.56 1.24
N ASP B 184 2.40 -34.76 0.73
CA ASP B 184 2.76 -35.22 -0.64
C ASP B 184 2.19 -34.25 -1.68
N THR B 185 0.91 -33.88 -1.54
CA THR B 185 0.19 -32.95 -2.44
C THR B 185 0.96 -31.63 -2.55
N LEU B 186 1.30 -31.04 -1.40
CA LEU B 186 2.03 -29.74 -1.30
C LEU B 186 3.40 -29.87 -1.96
N LEU B 187 4.13 -30.96 -1.70
CA LEU B 187 5.45 -31.25 -2.35
C LEU B 187 5.27 -31.22 -3.86
N LYS B 188 4.25 -31.93 -4.36
CA LYS B 188 3.93 -32.02 -5.82
C LYS B 188 3.61 -30.62 -6.35
N ALA B 189 2.77 -29.87 -5.63
CA ALA B 189 2.34 -28.48 -5.98
C ALA B 189 3.57 -27.58 -6.12
N LEU B 190 4.41 -27.49 -5.09
CA LEU B 190 5.61 -26.60 -5.07
C LEU B 190 6.51 -26.91 -6.28
N LEU B 191 6.67 -28.18 -6.63
CA LEU B 191 7.55 -28.63 -7.75
C LEU B 191 6.96 -28.21 -9.09
N GLU B 192 5.63 -28.23 -9.22
CA GLU B 192 4.91 -27.75 -10.43
C GLU B 192 5.09 -26.24 -10.57
N ILE B 193 5.21 -25.52 -9.44
CA ILE B 193 5.46 -24.04 -9.43
C ILE B 193 6.90 -23.76 -9.83
N ALA B 194 7.87 -24.55 -9.34
CA ALA B 194 9.29 -24.43 -9.71
C ALA B 194 9.43 -24.73 -11.21
N SER B 195 8.73 -25.76 -11.69
CA SER B 195 8.64 -26.16 -13.12
C SER B 195 8.31 -24.94 -13.98
N CYS B 196 7.30 -24.16 -13.60
CA CYS B 196 6.77 -23.01 -14.38
C CYS B 196 7.75 -21.84 -14.35
N LEU B 197 8.30 -21.51 -13.17
CA LEU B 197 9.26 -20.39 -12.99
C LEU B 197 10.61 -20.74 -13.64
N GLU B 198 10.96 -22.04 -13.71
CA GLU B 198 12.12 -22.54 -14.48
C GLU B 198 11.87 -22.28 -15.96
N LYS B 199 10.66 -22.59 -16.44
CA LYS B 199 10.24 -22.48 -17.87
C LYS B 199 10.06 -21.01 -18.28
N ALA B 200 9.80 -20.13 -17.33
CA ALA B 200 9.56 -18.68 -17.56
C ALA B 200 10.88 -18.00 -17.96
N LEU B 201 12.02 -18.52 -17.51
CA LEU B 201 13.38 -18.02 -17.90
C LEU B 201 13.66 -18.39 -19.35
N GLN B 202 13.22 -19.58 -19.79
CA GLN B 202 13.42 -20.08 -21.17
C GLN B 202 12.72 -19.16 -22.17
N VAL B 203 11.54 -18.61 -21.80
CA VAL B 203 10.79 -17.63 -22.63
C VAL B 203 11.52 -16.29 -22.61
N PHE B 204 12.11 -15.93 -21.47
CA PHE B 204 12.79 -14.61 -21.27
C PHE B 204 14.02 -14.54 -22.19
N HIS B 205 14.61 -15.68 -22.55
CA HIS B 205 15.71 -15.80 -23.56
C HIS B 205 15.30 -15.17 -24.89
N GLN B 206 14.00 -15.18 -25.24
CA GLN B 206 13.46 -14.65 -26.53
C GLN B 206 13.71 -13.13 -26.67
N ILE B 207 14.00 -12.44 -25.57
CA ILE B 207 14.18 -10.95 -25.55
C ILE B 207 15.23 -10.54 -26.58
N HIS B 208 16.28 -11.36 -26.77
CA HIS B 208 17.45 -11.05 -27.63
C HIS B 208 17.05 -11.04 -29.11
N ASP B 209 16.10 -11.90 -29.51
CA ASP B 209 15.76 -12.16 -30.94
C ASP B 209 14.71 -11.16 -31.44
N HIS B 210 14.17 -10.30 -30.57
CA HIS B 210 12.99 -9.44 -30.90
C HIS B 210 13.19 -7.97 -30.49
N VAL B 211 14.11 -7.67 -29.55
CA VAL B 211 14.34 -6.28 -29.04
C VAL B 211 15.80 -5.89 -29.25
N ASN B 212 16.04 -4.82 -30.01
CA ASN B 212 17.38 -4.20 -30.24
C ASN B 212 17.66 -3.24 -29.08
N PRO B 213 18.90 -3.19 -28.53
CA PRO B 213 19.23 -2.30 -27.43
C PRO B 213 18.98 -0.80 -27.70
N LYS B 214 19.42 -0.33 -28.86
CA LYS B 214 19.44 1.12 -29.23
C LYS B 214 17.99 1.60 -29.39
N ALA B 215 17.13 0.79 -30.01
CA ALA B 215 15.66 1.00 -30.09
C ALA B 215 15.12 1.19 -28.67
N PHE B 216 15.26 0.18 -27.80
CA PHE B 216 14.68 0.21 -26.43
C PHE B 216 15.14 1.47 -25.70
N PHE B 217 16.46 1.65 -25.56
CA PHE B 217 17.06 2.62 -24.61
C PHE B 217 16.65 4.06 -24.97
N SER B 218 16.81 4.46 -26.23
CA SER B 218 16.69 5.86 -26.69
C SER B 218 15.29 6.17 -27.23
N VAL B 219 14.49 5.14 -27.54
CA VAL B 219 13.13 5.30 -28.17
C VAL B 219 12.06 4.84 -27.18
N LEU B 220 11.88 3.53 -26.99
CA LEU B 220 10.69 2.94 -26.30
C LEU B 220 10.68 3.35 -24.83
N ARG B 221 11.83 3.25 -24.17
CA ARG B 221 12.04 3.70 -22.77
C ARG B 221 11.50 5.13 -22.60
N ILE B 222 11.66 5.99 -23.62
CA ILE B 222 11.24 7.42 -23.55
C ILE B 222 9.71 7.49 -23.46
N TYR B 223 8.99 6.76 -24.33
CA TYR B 223 7.52 6.85 -24.47
C TYR B 223 6.82 6.18 -23.28
N LEU B 224 7.48 5.20 -22.64
CA LEU B 224 6.93 4.45 -21.48
C LEU B 224 7.19 5.22 -20.17
N SER B 225 8.14 6.16 -20.18
CA SER B 225 8.51 6.97 -18.98
C SER B 225 7.34 7.87 -18.58
N GLY B 226 7.32 8.31 -17.32
CA GLY B 226 6.19 9.03 -16.72
C GLY B 226 6.58 10.41 -16.23
N TRP B 227 5.77 10.99 -15.34
CA TRP B 227 5.92 12.35 -14.79
C TRP B 227 5.79 12.30 -13.26
N LYS B 228 6.77 11.69 -12.61
CA LYS B 228 6.90 11.59 -11.12
C LYS B 228 8.38 11.49 -10.78
N GLY B 229 8.94 12.52 -10.15
CA GLY B 229 10.39 12.69 -9.96
C GLY B 229 11.12 12.74 -11.29
N ASN B 230 10.49 13.37 -12.30
CA ASN B 230 11.05 13.60 -13.66
C ASN B 230 11.31 15.10 -13.81
N PRO B 231 12.59 15.55 -13.81
CA PRO B 231 12.92 16.97 -13.98
C PRO B 231 12.19 17.64 -15.16
N GLN B 232 12.01 16.91 -16.26
CA GLN B 232 11.33 17.37 -17.50
C GLN B 232 9.91 17.84 -17.20
N LEU B 233 9.22 17.23 -16.23
CA LEU B 233 7.84 17.60 -15.80
C LEU B 233 7.76 17.62 -14.27
N SER B 234 8.71 18.30 -13.62
CA SER B 234 9.01 18.18 -12.16
C SER B 234 7.76 18.42 -11.31
N ASP B 235 6.86 19.32 -11.69
CA ASP B 235 5.60 19.62 -10.95
C ASP B 235 4.54 18.56 -11.28
N GLY B 236 4.65 17.93 -12.45
CA GLY B 236 3.72 16.89 -12.93
C GLY B 236 3.11 17.26 -14.26
N LEU B 237 1.91 16.76 -14.56
CA LEU B 237 1.14 17.05 -15.80
C LEU B 237 -0.26 17.55 -15.41
N VAL B 238 -0.76 18.58 -16.09
CA VAL B 238 -2.11 19.16 -15.87
C VAL B 238 -3.13 18.35 -16.69
N TYR B 239 -4.11 17.74 -16.03
CA TYR B 239 -5.25 17.04 -16.67
C TYR B 239 -6.38 18.06 -16.86
N GLU B 240 -6.14 19.02 -17.77
CA GLU B 240 -7.00 20.19 -18.08
C GLU B 240 -8.48 19.81 -17.90
N GLY B 241 -9.18 20.53 -17.02
CA GLY B 241 -10.65 20.45 -16.87
C GLY B 241 -11.08 19.28 -16.00
N PHE B 242 -10.12 18.58 -15.36
CA PHE B 242 -10.39 17.46 -14.42
C PHE B 242 -9.76 17.77 -13.06
N TRP B 243 -8.49 18.16 -13.07
CA TRP B 243 -7.74 18.70 -11.90
C TRP B 243 -7.14 20.05 -12.28
N GLU B 244 -7.12 20.97 -11.32
CA GLU B 244 -6.55 22.33 -11.47
C GLU B 244 -5.03 22.26 -11.30
N ASP B 245 -4.56 21.30 -10.50
CA ASP B 245 -3.13 21.16 -10.09
C ASP B 245 -2.46 20.09 -10.96
N PRO B 246 -1.16 20.29 -11.32
CA PRO B 246 -0.37 19.25 -11.98
C PRO B 246 -0.19 18.04 -11.05
N LYS B 247 -0.62 16.84 -11.48
CA LYS B 247 -0.47 15.58 -10.72
C LYS B 247 0.71 14.78 -11.27
N GLU B 248 1.50 14.18 -10.36
CA GLU B 248 2.64 13.28 -10.68
C GLU B 248 2.14 11.83 -10.71
N PHE B 249 2.70 11.01 -11.61
CA PHE B 249 2.38 9.58 -11.79
C PHE B 249 3.60 8.83 -12.35
N ALA B 250 3.87 7.63 -11.81
CA ALA B 250 5.03 6.78 -12.19
C ALA B 250 4.81 6.20 -13.59
N GLY B 251 5.88 6.10 -14.37
CA GLY B 251 5.90 5.46 -15.70
C GLY B 251 5.76 3.96 -15.60
N GLY B 252 5.50 3.29 -16.73
CA GLY B 252 5.29 1.83 -16.81
C GLY B 252 6.54 1.08 -16.35
N SER B 253 6.34 -0.04 -15.65
CA SER B 253 7.40 -1.03 -15.30
C SER B 253 6.76 -2.40 -15.16
N ALA B 254 7.56 -3.46 -15.25
CA ALA B 254 7.13 -4.85 -14.98
C ALA B 254 6.93 -5.02 -13.46
N GLY B 255 7.43 -4.08 -12.66
CA GLY B 255 7.11 -3.90 -11.24
C GLY B 255 5.61 -3.75 -11.00
N GLN B 256 4.86 -3.32 -12.03
CA GLN B 256 3.38 -3.17 -11.99
C GLN B 256 2.68 -4.48 -12.36
N SER B 257 3.41 -5.59 -12.46
CA SER B 257 2.84 -6.93 -12.72
C SER B 257 2.54 -7.64 -11.40
N SER B 258 1.34 -8.22 -11.29
CA SER B 258 0.91 -9.05 -10.14
C SER B 258 1.69 -10.37 -10.16
N VAL B 259 1.70 -11.07 -11.31
CA VAL B 259 2.22 -12.47 -11.44
C VAL B 259 3.59 -12.57 -10.77
N PHE B 260 4.49 -11.62 -11.04
CA PHE B 260 5.90 -11.63 -10.59
C PHE B 260 5.96 -11.30 -9.09
N GLN B 261 5.19 -10.28 -8.68
CA GLN B 261 5.10 -9.76 -7.30
C GLN B 261 4.35 -10.75 -6.41
N CYS B 262 3.57 -11.66 -7.01
CA CYS B 262 2.70 -12.64 -6.32
C CYS B 262 3.55 -13.76 -5.69
N PHE B 263 4.57 -14.26 -6.39
CA PHE B 263 5.40 -15.41 -5.95
C PHE B 263 6.24 -15.04 -4.73
N ASP B 264 6.77 -13.81 -4.70
CA ASP B 264 7.47 -13.26 -3.51
C ASP B 264 6.56 -13.41 -2.29
N VAL B 265 5.26 -13.09 -2.45
CA VAL B 265 4.23 -13.15 -1.37
C VAL B 265 3.98 -14.61 -0.99
N LEU B 266 3.68 -15.47 -1.97
CA LEU B 266 3.44 -16.93 -1.77
C LEU B 266 4.58 -17.53 -0.92
N LEU B 267 5.81 -17.34 -1.38
CA LEU B 267 7.03 -18.00 -0.82
C LEU B 267 7.51 -17.27 0.45
N GLY B 268 6.74 -16.30 0.97
CA GLY B 268 7.04 -15.59 2.22
C GLY B 268 8.32 -14.78 2.13
N ILE B 269 8.68 -14.35 0.92
CA ILE B 269 9.87 -13.51 0.60
C ILE B 269 9.46 -12.04 0.81
N GLN B 270 10.08 -11.35 1.78
CA GLN B 270 9.56 -10.08 2.35
C GLN B 270 9.96 -8.88 1.47
N GLN B 271 9.46 -8.83 0.24
CA GLN B 271 9.83 -7.81 -0.80
C GLN B 271 9.29 -6.44 -0.40
N THR B 272 8.02 -6.37 0.04
CA THR B 272 7.26 -5.11 0.29
C THR B 272 7.19 -4.80 1.79
N ALA B 273 7.98 -5.51 2.62
CA ALA B 273 8.10 -5.27 4.07
C ALA B 273 9.27 -4.31 4.33
N GLY B 274 9.22 -3.60 5.46
CA GLY B 274 10.20 -2.54 5.83
C GLY B 274 9.75 -1.16 5.38
N GLY B 275 10.62 -0.16 5.53
CA GLY B 275 10.35 1.23 5.12
C GLY B 275 11.25 1.69 3.98
N GLY B 276 11.97 0.74 3.35
CA GLY B 276 13.02 1.03 2.35
C GLY B 276 12.43 1.51 1.03
N HIS B 277 13.30 1.90 0.08
CA HIS B 277 12.92 2.43 -1.24
C HIS B 277 12.34 1.31 -2.12
N ALA B 278 13.01 0.14 -2.16
CA ALA B 278 12.62 -1.04 -2.97
C ALA B 278 11.19 -1.49 -2.62
N ALA B 279 10.89 -1.61 -1.33
CA ALA B 279 9.57 -2.07 -0.81
C ALA B 279 8.50 -1.01 -1.07
N GLN B 280 8.86 0.28 -0.97
CA GLN B 280 7.91 1.41 -1.18
C GLN B 280 7.44 1.39 -2.63
N PHE B 281 8.37 1.26 -3.58
CA PHE B 281 8.08 1.18 -5.04
C PHE B 281 7.07 0.06 -5.28
N LEU B 282 7.44 -1.17 -4.94
CA LEU B 282 6.63 -2.39 -5.19
C LEU B 282 5.25 -2.26 -4.53
N GLN B 283 5.16 -1.60 -3.37
CA GLN B 283 3.86 -1.34 -2.69
C GLN B 283 3.09 -0.24 -3.43
N ASP B 284 3.78 0.83 -3.87
CA ASP B 284 3.16 1.93 -4.65
C ASP B 284 2.57 1.36 -5.94
N MET B 285 3.32 0.48 -6.61
CA MET B 285 3.00 -0.10 -7.94
C MET B 285 1.75 -0.99 -7.86
N ARG B 286 1.35 -1.44 -6.66
CA ARG B 286 0.12 -2.24 -6.45
C ARG B 286 -1.12 -1.42 -6.80
N ARG B 287 -1.01 -0.08 -6.81
CA ARG B 287 -2.11 0.87 -7.11
C ARG B 287 -2.03 1.33 -8.57
N TYR B 288 -1.11 0.75 -9.33
CA TYR B 288 -0.99 0.86 -10.81
C TYR B 288 -1.44 -0.46 -11.45
N MET B 289 -1.95 -1.39 -10.64
CA MET B 289 -2.53 -2.69 -11.07
C MET B 289 -4.04 -2.56 -11.11
N PRO B 290 -4.75 -3.40 -11.91
CA PRO B 290 -6.21 -3.44 -11.86
C PRO B 290 -6.66 -3.83 -10.46
N PRO B 291 -7.81 -3.33 -9.97
CA PRO B 291 -8.28 -3.66 -8.62
C PRO B 291 -8.23 -5.16 -8.33
N ALA B 292 -8.79 -5.97 -9.23
CA ALA B 292 -8.91 -7.45 -9.08
C ALA B 292 -7.55 -8.07 -8.74
N HIS B 293 -6.45 -7.52 -9.28
CA HIS B 293 -5.07 -8.05 -9.13
C HIS B 293 -4.47 -7.58 -7.80
N ARG B 294 -4.58 -6.27 -7.53
CA ARG B 294 -4.27 -5.63 -6.23
C ARG B 294 -4.92 -6.42 -5.09
N ASN B 295 -6.16 -6.86 -5.28
CA ASN B 295 -6.94 -7.70 -4.32
C ASN B 295 -6.25 -9.05 -4.15
N PHE B 296 -6.02 -9.79 -5.25
CA PHE B 296 -5.42 -11.14 -5.25
C PHE B 296 -4.13 -11.17 -4.42
N LEU B 297 -3.19 -10.27 -4.73
CA LEU B 297 -1.90 -10.14 -4.02
C LEU B 297 -2.14 -10.06 -2.52
N CYS B 298 -3.11 -9.24 -2.12
CA CYS B 298 -3.38 -8.92 -0.70
C CYS B 298 -4.12 -10.08 -0.03
N SER B 299 -4.95 -10.79 -0.79
CA SER B 299 -5.61 -12.06 -0.37
C SER B 299 -4.54 -13.10 -0.05
N LEU B 300 -3.46 -13.16 -0.85
CA LEU B 300 -2.29 -14.06 -0.61
C LEU B 300 -1.63 -13.70 0.74
N GLU B 301 -1.56 -12.43 1.09
CA GLU B 301 -0.88 -11.95 2.35
C GLU B 301 -1.71 -12.36 3.57
N SER B 302 -3.03 -12.56 3.42
CA SER B 302 -3.97 -12.96 4.49
C SER B 302 -3.84 -14.45 4.82
N ASN B 303 -3.26 -15.24 3.91
CA ASN B 303 -3.06 -16.71 4.06
C ASN B 303 -1.86 -16.98 4.96
N PRO B 304 -1.82 -18.15 5.63
CA PRO B 304 -0.67 -18.54 6.46
C PRO B 304 0.57 -18.87 5.62
N SER B 305 1.77 -18.70 6.19
CA SER B 305 3.08 -18.71 5.46
C SER B 305 3.45 -20.14 5.06
N VAL B 306 3.64 -20.36 3.75
CA VAL B 306 4.19 -21.60 3.13
C VAL B 306 5.59 -21.85 3.72
N ARG B 307 6.42 -20.80 3.76
CA ARG B 307 7.82 -20.85 4.24
C ARG B 307 7.89 -21.57 5.59
N GLU B 308 7.27 -21.01 6.63
CA GLU B 308 7.45 -21.48 8.03
C GLU B 308 6.59 -22.73 8.29
N PHE B 309 5.75 -23.13 7.34
CA PHE B 309 5.11 -24.48 7.31
C PHE B 309 6.16 -25.53 6.92
N VAL B 310 6.93 -25.24 5.86
CA VAL B 310 7.96 -26.15 5.27
C VAL B 310 9.12 -26.30 6.26
N LEU B 311 9.47 -25.22 6.99
CA LEU B 311 10.61 -25.19 7.94
C LEU B 311 10.31 -26.04 9.18
N SER B 312 9.04 -26.08 9.61
CA SER B 312 8.61 -26.68 10.90
C SER B 312 8.70 -28.20 10.87
N LYS B 313 8.56 -28.83 9.69
CA LYS B 313 8.24 -30.28 9.55
C LYS B 313 9.49 -31.13 9.31
N GLY B 314 10.70 -30.55 9.38
CA GLY B 314 11.97 -31.28 9.24
C GLY B 314 11.91 -32.31 8.13
N ASP B 315 11.52 -31.86 6.94
CA ASP B 315 11.15 -32.71 5.77
C ASP B 315 11.92 -32.21 4.55
N ALA B 316 12.93 -32.97 4.11
CA ALA B 316 13.98 -32.56 3.15
C ALA B 316 13.38 -32.38 1.74
N GLY B 317 12.63 -33.37 1.25
CA GLY B 317 11.93 -33.33 -0.04
C GLY B 317 11.13 -32.04 -0.17
N LEU B 318 10.51 -31.62 0.94
CA LEU B 318 9.65 -30.42 1.07
C LEU B 318 10.51 -29.16 1.03
N ARG B 319 11.55 -29.10 1.87
CA ARG B 319 12.54 -27.99 1.91
C ARG B 319 13.15 -27.80 0.50
N GLU B 320 13.52 -28.91 -0.15
CA GLU B 320 14.23 -28.91 -1.45
C GLU B 320 13.30 -28.35 -2.53
N ALA B 321 12.01 -28.70 -2.49
CA ALA B 321 10.97 -28.22 -3.43
C ALA B 321 10.75 -26.72 -3.22
N TYR B 322 10.60 -26.27 -1.98
CA TYR B 322 10.43 -24.83 -1.62
C TYR B 322 11.61 -24.03 -2.18
N ASP B 323 12.83 -24.58 -2.08
CA ASP B 323 14.08 -23.93 -2.58
C ASP B 323 14.05 -23.88 -4.12
N ALA B 324 13.65 -24.96 -4.78
CA ALA B 324 13.50 -25.03 -6.25
C ALA B 324 12.64 -23.86 -6.72
N CYS B 325 11.69 -23.44 -5.89
CA CYS B 325 10.81 -22.26 -6.13
C CYS B 325 11.61 -20.96 -5.98
N VAL B 326 12.32 -20.78 -4.86
CA VAL B 326 13.15 -19.57 -4.60
C VAL B 326 14.29 -19.52 -5.63
N LYS B 327 14.98 -20.65 -5.86
CA LYS B 327 16.07 -20.78 -6.87
C LYS B 327 15.63 -20.15 -8.19
N ALA B 328 14.51 -20.64 -8.73
CA ALA B 328 13.93 -20.22 -10.04
C ALA B 328 13.77 -18.70 -10.11
N LEU B 329 13.39 -18.06 -9.00
CA LEU B 329 13.24 -16.58 -8.92
C LEU B 329 14.62 -15.93 -8.95
N VAL B 330 15.58 -16.43 -8.16
CA VAL B 330 16.97 -15.88 -8.14
C VAL B 330 17.56 -16.07 -9.55
N SER B 331 17.36 -17.24 -10.15
CA SER B 331 17.73 -17.58 -11.54
C SER B 331 17.26 -16.47 -12.50
N LEU B 332 15.98 -16.12 -12.44
CA LEU B 332 15.31 -15.11 -13.32
C LEU B 332 15.88 -13.72 -13.02
N ARG B 333 15.89 -13.32 -11.75
CA ARG B 333 16.31 -11.97 -11.30
C ARG B 333 17.78 -11.75 -11.64
N SER B 334 18.58 -12.83 -11.67
CA SER B 334 20.04 -12.79 -11.97
C SER B 334 20.29 -12.74 -13.49
N TYR B 335 19.45 -13.40 -14.29
CA TYR B 335 19.48 -13.31 -15.79
C TYR B 335 19.09 -11.90 -16.22
N HIS B 336 18.09 -11.31 -15.55
CA HIS B 336 17.58 -9.94 -15.78
C HIS B 336 18.72 -8.92 -15.63
N LEU B 337 19.65 -9.20 -14.71
CA LEU B 337 20.87 -8.37 -14.51
C LEU B 337 21.59 -8.21 -15.85
N GLN B 338 21.79 -9.31 -16.59
CA GLN B 338 22.43 -9.30 -17.94
C GLN B 338 21.58 -8.46 -18.90
N ILE B 339 20.25 -8.59 -18.80
CA ILE B 339 19.26 -7.86 -19.64
C ILE B 339 19.39 -6.35 -19.36
N VAL B 340 19.43 -5.95 -18.08
CA VAL B 340 19.56 -4.52 -17.67
C VAL B 340 20.89 -3.97 -18.19
N THR B 341 21.95 -4.78 -18.18
CA THR B 341 23.31 -4.40 -18.63
C THR B 341 23.30 -4.14 -20.14
N LYS B 342 22.77 -5.09 -20.91
CA LYS B 342 22.78 -5.09 -22.41
C LYS B 342 21.89 -3.97 -22.96
N TYR B 343 20.76 -3.68 -22.29
CA TYR B 343 19.63 -2.88 -22.84
C TYR B 343 19.55 -1.48 -22.19
N ILE B 344 20.27 -1.23 -21.09
CA ILE B 344 20.34 0.13 -20.48
C ILE B 344 21.81 0.54 -20.32
N LEU B 345 22.58 -0.18 -19.50
CA LEU B 345 23.92 0.28 -19.03
C LEU B 345 24.90 0.38 -20.21
N ILE B 346 24.88 -0.57 -21.14
CA ILE B 346 25.73 -0.52 -22.38
C ILE B 346 25.31 0.71 -23.19
N PRO B 347 24.05 0.83 -23.65
CA PRO B 347 23.59 2.04 -24.36
C PRO B 347 23.71 3.36 -23.56
N ALA B 348 23.63 3.31 -22.23
CA ALA B 348 23.78 4.48 -21.33
C ALA B 348 25.24 4.95 -21.32
N SER B 349 26.18 4.03 -21.61
CA SER B 349 27.62 4.31 -21.79
C SER B 349 27.87 4.93 -23.18
N GLN B 350 27.43 4.25 -24.24
CA GLN B 350 27.79 4.55 -25.66
C GLN B 350 27.01 5.76 -26.20
N GLN B 351 26.23 6.48 -25.36
CA GLN B 351 25.58 7.76 -25.74
C GLN B 351 26.41 8.93 -25.21
N PRO B 352 26.79 9.91 -26.06
CA PRO B 352 27.39 11.16 -25.59
C PRO B 352 26.37 12.30 -25.46
N LEU B 364 22.79 13.11 -14.07
CA LEU B 364 22.56 11.91 -13.22
C LEU B 364 22.76 10.66 -14.10
N GLU B 365 22.67 9.46 -13.50
CA GLU B 365 22.83 8.16 -14.23
C GLU B 365 21.48 7.78 -14.86
N ALA B 366 21.53 7.02 -15.97
CA ALA B 366 20.38 6.64 -16.82
C ALA B 366 19.36 5.85 -15.97
N LYS B 367 18.08 6.21 -16.10
CA LYS B 367 16.97 5.66 -15.30
C LYS B 367 16.14 4.69 -16.16
N GLY B 368 15.46 3.75 -15.52
CA GLY B 368 14.48 2.86 -16.17
C GLY B 368 13.22 3.63 -16.51
N THR B 369 12.12 2.91 -16.79
CA THR B 369 10.80 3.51 -17.11
C THR B 369 10.05 3.80 -15.79
N GLY B 370 10.38 3.08 -14.71
CA GLY B 370 9.71 3.18 -13.40
C GLY B 370 10.12 4.42 -12.61
N GLY B 371 11.42 4.76 -12.63
CA GLY B 371 11.99 5.90 -11.90
C GLY B 371 12.70 5.47 -10.62
N THR B 372 13.09 4.20 -10.51
CA THR B 372 13.89 3.64 -9.39
C THR B 372 15.37 3.98 -9.61
N ASP B 373 16.18 3.97 -8.55
CA ASP B 373 17.66 3.84 -8.64
C ASP B 373 17.93 2.39 -9.09
N LEU B 374 17.85 2.15 -10.39
CA LEU B 374 17.51 0.82 -10.98
C LEU B 374 18.57 -0.23 -10.63
N MET B 375 19.85 0.14 -10.56
CA MET B 375 20.94 -0.84 -10.28
C MET B 375 20.88 -1.26 -8.81
N ASN B 376 20.68 -0.31 -7.89
CA ASN B 376 20.60 -0.56 -6.43
C ASN B 376 19.27 -1.27 -6.10
N PHE B 377 18.16 -0.81 -6.69
CA PHE B 377 16.80 -1.37 -6.52
C PHE B 377 16.81 -2.87 -6.86
N LEU B 378 17.29 -3.21 -8.07
CA LEU B 378 17.32 -4.61 -8.58
C LEU B 378 18.23 -5.47 -7.69
N LYS B 379 19.37 -4.93 -7.25
CA LYS B 379 20.33 -5.61 -6.34
C LYS B 379 19.62 -5.95 -5.02
N THR B 380 18.98 -4.96 -4.40
CA THR B 380 18.21 -5.09 -3.13
C THR B 380 17.19 -6.23 -3.25
N VAL B 381 16.54 -6.35 -4.41
CA VAL B 381 15.43 -7.34 -4.64
C VAL B 381 16.04 -8.72 -4.89
N ARG B 382 17.05 -8.83 -5.75
CA ARG B 382 17.79 -10.10 -6.01
C ARG B 382 18.35 -10.62 -4.69
N SER B 383 18.86 -9.72 -3.85
CA SER B 383 19.42 -10.00 -2.49
C SER B 383 18.34 -10.59 -1.59
N THR B 384 17.22 -9.88 -1.42
CA THR B 384 16.09 -10.27 -0.54
C THR B 384 15.55 -11.65 -0.94
N THR B 385 15.64 -12.00 -2.22
CA THR B 385 15.25 -13.34 -2.76
C THR B 385 16.28 -14.39 -2.31
N GLU B 386 17.58 -14.11 -2.53
CA GLU B 386 18.71 -15.00 -2.14
C GLU B 386 18.64 -15.35 -0.65
N LYS B 387 18.24 -14.40 0.20
CA LYS B 387 18.19 -14.54 1.68
C LYS B 387 17.08 -15.52 2.11
N SER B 388 16.13 -15.85 1.21
CA SER B 388 14.94 -16.69 1.49
C SER B 388 15.24 -18.18 1.24
N LEU B 389 16.42 -18.52 0.72
CA LEU B 389 16.89 -19.92 0.56
C LEU B 389 16.92 -20.61 1.93
N LEU B 390 16.76 -21.94 1.96
CA LEU B 390 16.64 -22.77 3.19
C LEU B 390 17.97 -23.49 3.49
N LYS B 391 18.71 -23.90 2.45
CA LYS B 391 20.05 -24.55 2.55
C LYS B 391 19.92 -25.82 3.40
CHA HEM C . -4.96 12.68 11.98
CHB HEM C . -4.05 15.59 15.74
CHC HEM C . -7.38 13.19 18.38
CHD HEM C . -8.27 10.34 14.59
C1A HEM C . -4.44 13.64 12.79
C2A HEM C . -3.38 14.48 12.41
C3A HEM C . -3.10 15.31 13.45
C4A HEM C . -4.01 14.99 14.49
CMA HEM C . -2.04 16.38 13.47
CAA HEM C . -2.70 14.44 11.07
CBA HEM C . -1.77 13.22 11.01
CGA HEM C . -0.46 13.59 11.65
O1A HEM C . -0.21 13.18 12.81
O2A HEM C . 0.37 14.30 11.04
C1B HEM C . -4.90 15.16 16.78
C2B HEM C . -4.87 15.74 18.09
C3B HEM C . -5.79 15.07 18.85
C4B HEM C . -6.39 14.06 17.95
CMB HEM C . -3.99 16.87 18.55
CAB HEM C . -6.19 15.24 20.27
CBB HEM C . -5.67 16.13 21.13
C1C HEM C . -7.90 12.16 17.59
C2C HEM C . -8.65 11.07 18.05
C3C HEM C . -8.90 10.26 16.94
C4C HEM C . -8.27 10.88 15.84
CMC HEM C . -9.10 10.87 19.48
CAC HEM C . -9.60 8.95 16.81
CBC HEM C . -9.89 8.19 17.85
C1D HEM C . -7.41 10.77 13.59
C2D HEM C . -7.36 10.06 12.32
C3D HEM C . -6.44 10.71 11.59
C4D HEM C . -5.94 11.80 12.43
CMD HEM C . -8.16 8.86 11.89
CAD HEM C . -6.03 10.39 10.17
CBD HEM C . -6.68 11.37 9.19
CGD HEM C . -8.11 11.00 8.88
O1D HEM C . -8.97 11.90 8.82
O2D HEM C . -8.43 9.82 8.66
NA HEM C . -4.81 13.97 14.08
NB HEM C . -5.81 14.17 16.74
NC HEM C . -7.66 12.03 16.25
ND HEM C . -6.55 11.79 13.63
FE HEM C . -6.23 12.97 15.06
N1 AOJ D . -1.12 13.07 15.48
C4 AOJ D . -2.11 12.18 15.48
C5 AOJ D . -4.52 10.79 17.90
C6 AOJ D . -3.19 9.17 18.69
C7 AOJ D . -2.61 8.06 19.29
C8 AOJ D . -1.23 7.86 19.21
C10 AOJ D . -0.92 9.90 17.92
F1 AOJ D . 0.93 8.52 18.49
C11 AOJ D . -0.40 8.77 18.53
C9 AOJ D . -2.29 10.10 17.98
N2 AOJ D . -4.45 9.62 18.60
C12 AOJ D . -3.24 11.11 17.50
C1 AOJ D . -2.95 12.34 16.71
O2 AOJ D . -2.36 11.37 14.60
C3 AOJ D . -1.11 13.84 16.57
O1 AOJ D . -0.37 14.78 16.79
C2 AOJ D . -2.18 13.38 17.53
C1 GOL E . -3.81 14.16 -2.52
O1 GOL E . -4.63 13.21 -1.84
C2 GOL E . -4.13 15.59 -2.11
O2 GOL E . -4.37 16.38 -3.27
C3 GOL E . -3.02 16.23 -1.28
O3 GOL E . -1.75 16.12 -1.91
CHA HEM F . 12.29 -4.14 -13.17
CHB HEM F . 14.76 -3.03 -17.22
CHC HEM F . 12.64 -6.81 -19.49
CHD HEM F . 10.57 -8.08 -15.35
C1A HEM F . 13.10 -3.52 -14.09
C2A HEM F . 13.76 -2.30 -13.84
C3A HEM F . 14.46 -1.98 -14.97
C4A HEM F . 14.24 -3.00 -15.93
CMA HEM F . 15.31 -0.75 -15.15
CAA HEM F . 13.70 -1.52 -12.55
CBA HEM F . 12.31 -0.89 -12.37
CGA HEM F . 12.26 0.44 -13.07
O1A HEM F . 11.93 0.50 -14.27
O2A HEM F . 12.54 1.49 -12.44
C1B HEM F . 14.35 -3.98 -18.18
C2B HEM F . 14.75 -3.93 -19.56
C3B HEM F . 14.17 -4.97 -20.22
C4B HEM F . 13.37 -5.67 -19.18
CMB HEM F . 15.66 -2.91 -20.18
CAB HEM F . 14.22 -5.41 -21.65
CBB HEM F . 14.86 -4.78 -22.63
C1C HEM F . 11.88 -7.49 -18.56
C2C HEM F . 10.99 -8.54 -18.84
C3C HEM F . 10.42 -8.91 -17.63
C4C HEM F . 10.96 -8.05 -16.65
CMC HEM F . 10.75 -9.17 -20.21
CAC HEM F . 9.36 -9.88 -17.33
CBC HEM F . 8.53 -10.28 -18.28
C1D HEM F . 10.87 -7.08 -14.44
C2D HEM F . 10.27 -7.09 -13.11
C3D HEM F . 10.74 -6.00 -12.49
C4D HEM F . 11.62 -5.33 -13.46
CMD HEM F . 9.31 -8.10 -12.52
CAD HEM F . 10.40 -5.58 -11.08
CBD HEM F . 11.51 -5.95 -10.07
CGD HEM F . 11.55 -7.41 -9.73
O1D HEM F . 12.64 -8.02 -9.84
O2D HEM F . 10.53 -8.02 -9.33
NA HEM F . 13.40 -3.93 -15.37
NB HEM F . 13.53 -5.03 -18.01
NC HEM F . 11.84 -7.19 -17.23
ND HEM F . 11.66 -6.01 -14.62
FE HEM F . 12.62 -5.57 -16.17
N1 AOJ G . 11.64 -0.99 -16.53
C4 AOJ G . 10.87 -2.08 -16.50
C5 AOJ G . 9.54 -4.63 -18.73
C6 AOJ G . 7.63 -3.67 -19.38
C7 AOJ G . 6.37 -3.35 -19.87
C8 AOJ G . 5.93 -2.03 -19.84
C10 AOJ G . 8.01 -1.26 -18.83
F1 AOJ G . 6.26 0.26 -19.32
C11 AOJ G . 6.73 -1.00 -19.33
C9 AOJ G . 8.46 -2.57 -18.84
N2 AOJ G . 8.31 -4.83 -19.28
C12 AOJ G . 9.67 -3.29 -18.43
C1 AOJ G . 10.94 -2.76 -17.83
O2 AOJ G . 10.21 -2.48 -15.56
C3 AOJ G . 12.16 -0.74 -17.72
O1 AOJ G . 12.92 0.19 -18.00
C2 AOJ G . 11.68 -1.76 -18.72
N1 AOJ H . 13.59 -10.89 -13.88
C4 AOJ H . 12.37 -11.41 -14.03
C5 AOJ H . 10.42 -11.49 -10.92
C6 AOJ H . 9.11 -13.19 -11.56
C7 AOJ H . 8.23 -14.27 -11.66
C8 AOJ H . 7.97 -14.82 -12.92
C10 AOJ H . 9.44 -13.23 -14.04
F1 AOJ H . 8.26 -14.89 -15.27
C11 AOJ H . 8.55 -14.32 -14.09
C9 AOJ H . 9.71 -12.68 -12.80
N2 AOJ H . 9.55 -12.46 -10.51
C12 AOJ H . 10.56 -11.59 -12.28
C1 AOJ H . 11.40 -10.70 -13.13
O2 AOJ H . 12.10 -12.31 -14.81
C3 AOJ H . 13.65 -9.95 -12.95
O1 AOJ H . 14.62 -9.30 -12.60
C2 AOJ H . 12.30 -9.77 -12.33
C1 GOL I . 15.94 -0.44 -0.17
O1 GOL I . 16.25 -0.05 -1.51
C2 GOL I . 16.98 0.09 0.81
O2 GOL I . 18.28 -0.30 0.39
C3 GOL I . 16.92 1.59 0.97
O3 GOL I . 16.05 1.99 2.02
C1 GOL J . -6.73 19.13 -7.03
O1 GOL J . -6.12 20.07 -7.90
C2 GOL J . -8.24 19.19 -7.12
O2 GOL J . -8.63 19.62 -8.43
C3 GOL J . -8.92 17.88 -6.79
O3 GOL J . -10.32 17.92 -7.02
C1 GOL K . 7.17 17.31 -31.57
O1 GOL K . 8.25 18.15 -31.96
C2 GOL K . 6.04 17.36 -32.57
O2 GOL K . 5.31 18.57 -32.40
C3 GOL K . 5.12 16.16 -32.47
O3 GOL K . 3.87 16.39 -33.12
C1 GOL L . -5.49 -16.39 -2.61
O1 GOL L . -6.10 -15.70 -1.52
C2 GOL L . -6.37 -17.49 -3.13
O2 GOL L . -7.47 -16.92 -3.84
C3 GOL L . -5.63 -18.47 -4.03
O3 GOL L . -5.58 -19.78 -3.47
#